data_3E9J
#
_entry.id   3E9J
#
_cell.length_a   66.305
_cell.length_b   103.105
_cell.length_c   125.826
_cell.angle_alpha   90.00
_cell.angle_beta   91.16
_cell.angle_gamma   90.00
#
_symmetry.space_group_name_H-M   'P 1 21 1'
#
loop_
_entity.id
_entity.type
_entity.pdbx_description
1 polymer 'Thiol/disulfide oxidoreductase DsbA'
2 polymer 'Thiol/disulfide oxidoreductase DsbB'
3 non-polymer UBIQUINONE-1
#
loop_
_entity_poly.entity_id
_entity_poly.type
_entity_poly.pdbx_seq_one_letter_code
_entity_poly.pdbx_strand_id
1 'polypeptide(L)'
;AQYEDGKQYTTLEKPVAGAPQVLEFFSFFCPHAYQFEEVLHISDNVKKKLPEGVKMTKYHVNFMGGDLGKDLTQAWAVAM
ALGVEDKVTVPLFEGVQKTQTIRSASDIRDVFINAGIKGEEYDAAWNSFVVKSLVAQQEKAAADVQLRGVPAMFVNGKYQ
LNPQGMDTSNMDVFVQQYADTVKYLSEKK
;
B,E
2 'polypeptide(L)'
;MLRFLNQASQGRGAWLLMAFTALALELTALWFQHVMLLKPCVLCIYERVALFGVLGAALIGAIAPKTPLRYVAMVIWLYS
AFRGVQLTYEHTMLQLYPSPFATCDFMVRFPEWLPLDKWVPQVFVASGDCAERQWDFLGLEMPQWLLGIFIAYLIVAVLV
VISQPFKAKKRDLFGRHHHHHH
;
C,F
#
loop_
_chem_comp.id
_chem_comp.type
_chem_comp.name
_chem_comp.formula
UQ1 non-polymer UBIQUINONE-1 'C14 H18 O4'
#
# COMPACT_ATOMS: atom_id res chain seq x y z
N ALA A 1 14.87 -39.02 9.58
CA ALA A 1 14.16 -40.33 9.47
C ALA A 1 12.85 -40.23 8.67
N GLN A 2 11.97 -39.30 9.05
CA GLN A 2 10.62 -39.21 8.48
C GLN A 2 10.01 -37.78 8.43
N TYR A 3 10.86 -36.76 8.31
CA TYR A 3 10.41 -35.34 8.16
C TYR A 3 11.26 -34.60 7.12
N GLU A 4 10.68 -34.39 5.93
CA GLU A 4 11.45 -34.08 4.74
C GLU A 4 11.18 -32.71 4.12
N ASP A 5 12.25 -32.00 3.78
CA ASP A 5 12.19 -30.91 2.81
C ASP A 5 11.45 -31.44 1.59
N GLY A 6 10.89 -30.54 0.79
CA GLY A 6 10.24 -30.92 -0.47
C GLY A 6 8.98 -31.77 -0.35
N LYS A 7 8.75 -32.33 0.84
CA LYS A 7 7.66 -33.26 1.07
C LYS A 7 6.52 -32.55 1.82
N GLN A 8 6.62 -32.49 3.15
CA GLN A 8 5.55 -31.94 4.00
C GLN A 8 5.66 -30.42 4.16
N TYR A 9 6.85 -29.87 3.90
CA TYR A 9 7.07 -28.44 3.86
C TYR A 9 8.15 -28.19 2.83
N THR A 10 8.25 -26.96 2.32
CA THR A 10 9.32 -26.56 1.41
C THR A 10 10.10 -25.42 2.06
N THR A 11 11.40 -25.60 2.31
CA THR A 11 12.20 -24.57 2.99
C THR A 11 12.25 -23.28 2.19
N LEU A 12 12.27 -22.15 2.90
CA LEU A 12 12.34 -20.82 2.28
C LEU A 12 13.77 -20.49 1.87
N GLU A 13 13.92 -20.13 0.61
CA GLU A 13 15.22 -19.88 0.00
C GLU A 13 15.84 -18.57 0.50
N LYS A 14 15.00 -17.54 0.60
CA LYS A 14 15.40 -16.20 1.06
C LYS A 14 14.73 -15.84 2.40
N PRO A 15 15.32 -16.30 3.52
CA PRO A 15 14.68 -16.20 4.82
C PRO A 15 14.55 -14.77 5.30
N VAL A 16 13.35 -14.42 5.77
CA VAL A 16 13.06 -13.09 6.32
C VAL A 16 13.00 -13.16 7.85
N ALA A 17 13.80 -12.32 8.51
CA ALA A 17 13.80 -12.24 9.96
C ALA A 17 12.99 -11.02 10.40
N GLY A 18 12.61 -11.03 11.66
CA GLY A 18 11.67 -10.06 12.19
C GLY A 18 10.25 -10.54 11.95
N ALA A 19 10.10 -11.81 11.55
CA ALA A 19 8.81 -12.35 11.22
C ALA A 19 7.99 -12.68 12.45
N PRO A 20 6.72 -13.04 12.23
CA PRO A 20 5.89 -13.60 13.28
C PRO A 20 6.42 -14.92 13.79
N GLN A 21 5.71 -15.55 14.72
CA GLN A 21 6.06 -16.90 15.15
C GLN A 21 5.31 -17.94 14.33
N VAL A 22 4.29 -17.48 13.62
CA VAL A 22 3.74 -18.23 12.49
C VAL A 22 2.71 -17.35 11.79
N LEU A 23 2.95 -17.02 10.53
CA LEU A 23 2.05 -16.16 9.76
C LEU A 23 1.01 -17.04 9.08
N GLU A 24 -0.05 -16.47 8.51
CA GLU A 24 -0.96 -17.26 7.71
C GLU A 24 -1.86 -16.48 6.77
N PHE A 25 -1.37 -16.15 5.58
CA PHE A 25 -2.16 -15.34 4.67
C PHE A 25 -3.44 -16.07 4.28
N PHE A 26 -4.36 -15.33 3.66
CA PHE A 26 -5.67 -15.84 3.18
C PHE A 26 -6.45 -14.71 2.58
N SER A 27 -7.44 -15.02 1.76
CA SER A 27 -8.35 -13.99 1.26
C SER A 27 -9.78 -14.33 1.55
N PHE A 28 -10.65 -13.32 1.70
CA PHE A 28 -12.10 -13.54 1.84
C PHE A 28 -12.68 -13.69 0.42
N PHE A 29 -12.18 -14.65 -0.32
CA PHE A 29 -12.52 -14.75 -1.73
C PHE A 29 -12.22 -16.13 -2.26
N CYS A 30 -11.13 -16.71 -1.79
CA CYS A 30 -10.69 -18.05 -2.17
C CYS A 30 -11.52 -19.12 -1.44
N PRO A 31 -12.41 -19.78 -2.15
CA PRO A 31 -13.12 -20.87 -1.52
C PRO A 31 -12.17 -21.72 -0.70
N HIS A 32 -11.03 -22.05 -1.27
CA HIS A 32 -10.05 -22.88 -0.58
C HIS A 32 -9.68 -22.19 0.70
N ALA A 33 -9.54 -20.88 0.64
CA ALA A 33 -9.43 -20.06 1.85
C ALA A 33 -10.56 -20.42 2.78
N TYR A 34 -11.79 -20.19 2.33
CA TYR A 34 -12.94 -20.57 3.13
C TYR A 34 -12.74 -21.99 3.65
N GLN A 35 -12.76 -22.97 2.74
CA GLN A 35 -12.69 -24.36 3.14
C GLN A 35 -11.70 -24.51 4.29
N PHE A 36 -10.49 -24.02 4.06
CA PHE A 36 -9.37 -24.22 4.97
C PHE A 36 -9.76 -23.87 6.41
N GLU A 37 -10.54 -22.81 6.57
CA GLU A 37 -10.81 -22.28 7.88
C GLU A 37 -12.27 -22.48 8.31
N GLU A 38 -13.18 -22.48 7.34
CA GLU A 38 -14.60 -22.67 7.64
C GLU A 38 -15.05 -24.14 7.58
N VAL A 39 -14.49 -24.89 6.63
CA VAL A 39 -14.89 -26.27 6.40
C VAL A 39 -14.04 -27.23 7.25
N LEU A 40 -12.85 -26.82 7.67
CA LEU A 40 -11.93 -27.69 8.43
C LEU A 40 -11.53 -27.15 9.80
N HIS A 41 -11.89 -25.89 10.06
CA HIS A 41 -11.49 -25.23 11.29
C HIS A 41 -9.99 -25.58 11.61
N ILE A 42 -9.07 -25.21 10.71
CA ILE A 42 -7.64 -25.60 10.78
C ILE A 42 -6.79 -24.85 11.81
N SER A 43 -6.91 -23.52 11.82
CA SER A 43 -6.17 -22.67 12.73
C SER A 43 -6.37 -23.12 14.16
N ASP A 44 -7.65 -23.25 14.52
CA ASP A 44 -8.10 -23.67 15.85
C ASP A 44 -7.35 -24.91 16.30
N ASN A 45 -7.45 -25.96 15.48
CA ASN A 45 -6.69 -27.20 15.67
C ASN A 45 -5.19 -26.92 15.92
N VAL A 46 -4.59 -26.20 14.98
CA VAL A 46 -3.18 -25.96 14.98
C VAL A 46 -2.78 -25.19 16.23
N LYS A 47 -3.59 -24.19 16.59
CA LYS A 47 -3.42 -23.43 17.85
C LYS A 47 -3.21 -24.39 19.02
N LYS A 48 -4.04 -25.43 19.04
CA LYS A 48 -4.06 -26.40 20.12
C LYS A 48 -2.80 -27.27 20.14
N LYS A 49 -2.21 -27.48 18.97
CA LYS A 49 -0.92 -28.16 18.88
C LYS A 49 0.23 -27.26 19.33
N LEU A 50 0.14 -25.95 19.04
CA LEU A 50 1.22 -25.05 19.39
C LEU A 50 1.57 -25.10 20.87
N PRO A 51 2.86 -24.89 21.18
CA PRO A 51 3.39 -24.79 22.55
C PRO A 51 2.86 -23.61 23.39
N GLU A 52 3.60 -23.30 24.46
CA GLU A 52 3.28 -22.19 25.33
C GLU A 52 3.48 -20.87 24.59
N GLY A 53 2.36 -20.19 24.34
CA GLY A 53 2.36 -18.80 23.87
C GLY A 53 3.15 -18.53 22.59
N VAL A 54 3.04 -19.46 21.65
CA VAL A 54 3.57 -19.24 20.32
C VAL A 54 2.50 -18.49 19.52
N LYS A 55 2.77 -17.20 19.35
CA LYS A 55 1.92 -16.25 18.62
C LYS A 55 1.43 -16.88 17.33
N MET A 56 0.22 -17.45 17.34
CA MET A 56 -0.41 -17.74 16.06
C MET A 56 -0.80 -16.36 15.50
N THR A 57 -0.53 -16.10 14.23
CA THR A 57 -0.79 -14.81 13.63
C THR A 57 -1.42 -15.04 12.27
N LYS A 58 -2.18 -14.08 11.77
CA LYS A 58 -2.89 -14.26 10.52
C LYS A 58 -2.93 -12.95 9.84
N TYR A 59 -3.05 -12.92 8.52
CA TYR A 59 -3.23 -11.68 7.75
C TYR A 59 -4.30 -11.89 6.73
N HIS A 60 -4.54 -10.89 5.88
CA HIS A 60 -5.42 -11.00 4.73
C HIS A 60 -4.70 -10.47 3.52
N VAL A 61 -5.04 -10.92 2.31
CA VAL A 61 -4.38 -10.39 1.06
C VAL A 61 -5.22 -9.95 -0.18
N ASN A 62 -4.56 -9.13 -0.98
CA ASN A 62 -5.19 -8.11 -1.79
C ASN A 62 -5.67 -8.53 -3.16
N PHE A 63 -4.79 -9.24 -3.85
CA PHE A 63 -4.84 -9.29 -5.31
C PHE A 63 -6.25 -9.59 -5.82
N MET A 64 -6.93 -10.55 -5.17
CA MET A 64 -8.27 -11.00 -5.54
C MET A 64 -9.35 -10.05 -5.00
N GLY A 65 -10.14 -9.46 -5.91
CA GLY A 65 -11.17 -8.45 -5.58
C GLY A 65 -10.81 -6.98 -5.89
N GLY A 66 -9.50 -6.74 -6.07
CA GLY A 66 -8.96 -5.42 -6.39
C GLY A 66 -9.46 -4.33 -5.44
N ASP A 67 -10.49 -3.63 -5.88
CA ASP A 67 -11.04 -2.45 -5.16
C ASP A 67 -11.53 -2.81 -3.76
N LEU A 68 -12.34 -3.86 -3.69
CA LEU A 68 -12.80 -4.40 -2.42
C LEU A 68 -11.62 -5.11 -1.76
N GLY A 69 -10.81 -5.78 -2.57
CA GLY A 69 -9.59 -6.40 -2.09
C GLY A 69 -9.04 -5.55 -0.98
N LYS A 70 -8.75 -4.29 -1.31
CA LYS A 70 -8.23 -3.38 -0.32
C LYS A 70 -9.18 -3.25 0.89
N ASP A 71 -10.19 -2.39 0.76
CA ASP A 71 -11.19 -2.19 1.82
C ASP A 71 -11.12 -3.32 2.84
N LEU A 72 -11.29 -4.55 2.36
CA LEU A 72 -11.30 -5.77 3.18
C LEU A 72 -10.13 -5.84 4.15
N THR A 73 -8.93 -5.63 3.60
CA THR A 73 -7.69 -5.63 4.40
C THR A 73 -7.81 -4.64 5.58
N GLN A 74 -8.24 -3.41 5.27
CA GLN A 74 -8.38 -2.37 6.29
C GLN A 74 -9.62 -2.66 7.12
N ALA A 75 -10.56 -3.35 6.51
CA ALA A 75 -11.61 -3.92 7.28
C ALA A 75 -10.91 -4.74 8.34
N TRP A 76 -10.01 -5.62 7.89
CA TRP A 76 -9.35 -6.53 8.80
C TRP A 76 -8.45 -5.75 9.69
N ALA A 77 -7.60 -4.94 9.11
CA ALA A 77 -6.73 -4.11 9.90
C ALA A 77 -7.40 -3.79 11.25
N VAL A 78 -8.40 -2.93 11.20
CA VAL A 78 -9.20 -2.60 12.38
C VAL A 78 -9.20 -3.83 13.23
N ALA A 79 -9.82 -4.88 12.70
CA ALA A 79 -10.18 -6.09 13.43
C ALA A 79 -9.01 -6.77 14.12
N MET A 80 -7.80 -6.40 13.72
CA MET A 80 -6.62 -6.84 14.44
C MET A 80 -6.40 -5.91 15.62
N ALA A 81 -6.52 -4.61 15.32
CA ALA A 81 -6.25 -3.57 16.29
C ALA A 81 -7.26 -3.57 17.45
N LEU A 82 -8.54 -3.53 17.10
CA LEU A 82 -9.59 -3.52 18.12
C LEU A 82 -9.48 -4.80 18.96
N GLY A 83 -9.82 -5.93 18.35
CA GLY A 83 -9.76 -7.21 19.03
C GLY A 83 -10.53 -8.21 18.18
N VAL A 84 -11.80 -7.95 18.06
CA VAL A 84 -12.70 -8.39 16.95
C VAL A 84 -12.42 -9.47 15.84
N GLU A 85 -11.17 -9.77 15.42
CA GLU A 85 -10.97 -10.76 14.34
C GLU A 85 -11.94 -11.94 14.53
N ASP A 86 -11.86 -12.56 15.70
CA ASP A 86 -12.66 -13.76 16.00
C ASP A 86 -14.13 -13.55 15.68
N LYS A 87 -14.65 -12.37 16.02
CA LYS A 87 -16.08 -12.09 15.90
C LYS A 87 -16.54 -11.63 14.51
N VAL A 88 -15.61 -11.13 13.70
CA VAL A 88 -15.92 -10.74 12.31
C VAL A 88 -15.52 -11.80 11.28
N THR A 89 -14.58 -12.67 11.66
CA THR A 89 -14.01 -13.70 10.80
C THR A 89 -15.06 -14.35 9.94
N VAL A 90 -16.03 -14.96 10.61
CA VAL A 90 -17.07 -15.76 9.95
C VAL A 90 -18.06 -14.88 9.16
N PRO A 91 -18.81 -14.01 9.87
CA PRO A 91 -19.77 -13.16 9.17
C PRO A 91 -19.23 -12.70 7.83
N LEU A 92 -18.07 -12.05 7.86
CA LEU A 92 -17.46 -11.48 6.65
C LEU A 92 -17.25 -12.55 5.57
N PHE A 93 -16.71 -13.69 6.01
CA PHE A 93 -16.46 -14.81 5.13
C PHE A 93 -17.75 -15.12 4.44
N GLU A 94 -18.70 -15.56 5.24
CA GLU A 94 -20.03 -15.84 4.78
C GLU A 94 -20.52 -14.68 3.94
N GLY A 95 -20.27 -13.48 4.45
CA GLY A 95 -20.68 -12.24 3.81
C GLY A 95 -20.26 -12.21 2.37
N VAL A 96 -18.95 -12.19 2.13
CA VAL A 96 -18.44 -12.03 0.77
C VAL A 96 -18.76 -13.21 -0.13
N GLN A 97 -18.49 -14.41 0.39
CA GLN A 97 -18.44 -15.63 -0.42
C GLN A 97 -19.82 -16.27 -0.51
N LYS A 98 -20.30 -16.79 0.61
CA LYS A 98 -21.41 -17.73 0.61
C LYS A 98 -22.76 -17.04 0.43
N THR A 99 -23.04 -16.08 1.31
CA THR A 99 -24.33 -15.39 1.32
C THR A 99 -24.44 -14.34 0.18
N GLN A 100 -23.31 -13.99 -0.42
CA GLN A 100 -23.24 -13.13 -1.62
C GLN A 100 -23.85 -11.72 -1.44
N THR A 101 -23.70 -11.21 -0.22
CA THR A 101 -24.38 -10.00 0.23
C THR A 101 -23.48 -8.76 0.37
N ILE A 102 -22.16 -8.94 0.33
CA ILE A 102 -21.21 -7.82 0.50
C ILE A 102 -20.86 -7.24 -0.86
N ARG A 103 -20.79 -5.92 -0.93
CA ARG A 103 -20.47 -5.21 -2.19
C ARG A 103 -19.60 -3.95 -1.96
N SER A 104 -19.99 -3.12 -0.98
CA SER A 104 -19.31 -1.85 -0.69
C SER A 104 -18.78 -1.75 0.72
N ALA A 105 -17.86 -0.82 0.93
CA ALA A 105 -17.29 -0.53 2.24
C ALA A 105 -18.36 -0.46 3.32
N SER A 106 -19.51 0.11 2.96
CA SER A 106 -20.63 0.27 3.88
C SER A 106 -21.26 -1.08 4.21
N ASP A 107 -21.38 -1.96 3.23
CA ASP A 107 -21.92 -3.29 3.49
C ASP A 107 -21.07 -3.96 4.57
N ILE A 108 -19.75 -3.75 4.48
CA ILE A 108 -18.78 -4.32 5.44
C ILE A 108 -18.90 -3.62 6.77
N ARG A 109 -18.79 -2.30 6.71
CA ARG A 109 -19.05 -1.41 7.84
C ARG A 109 -20.11 -2.02 8.75
N ASP A 110 -21.29 -2.23 8.20
CA ASP A 110 -22.43 -2.75 8.95
C ASP A 110 -22.16 -4.12 9.57
N VAL A 111 -21.37 -4.95 8.90
CA VAL A 111 -21.12 -6.31 9.37
C VAL A 111 -20.23 -6.31 10.59
N PHE A 112 -19.49 -5.22 10.78
CA PHE A 112 -18.84 -5.00 12.05
C PHE A 112 -19.87 -4.50 13.06
N ILE A 113 -20.58 -3.42 12.72
CA ILE A 113 -21.64 -2.89 13.58
C ILE A 113 -22.36 -4.03 14.30
N ASN A 114 -22.95 -4.91 13.52
CA ASN A 114 -23.79 -6.00 14.01
C ASN A 114 -23.13 -6.91 15.04
N ALA A 115 -21.85 -7.22 14.87
CA ALA A 115 -21.14 -8.19 15.74
C ALA A 115 -20.60 -7.56 17.05
N GLY A 116 -21.11 -6.38 17.38
CA GLY A 116 -20.75 -5.71 18.60
C GLY A 116 -19.63 -4.73 18.35
N ILE A 117 -19.70 -3.99 17.25
CA ILE A 117 -18.73 -2.91 16.98
C ILE A 117 -19.44 -1.57 16.76
N LYS A 118 -18.89 -0.53 17.37
CA LYS A 118 -19.53 0.79 17.43
C LYS A 118 -19.23 1.63 16.19
N GLY A 119 -20.26 1.86 15.38
CA GLY A 119 -20.16 2.58 14.09
C GLY A 119 -19.22 3.77 13.96
N GLU A 120 -18.89 4.39 15.08
CA GLU A 120 -17.84 5.40 15.10
C GLU A 120 -16.50 4.73 15.44
N GLU A 121 -16.46 3.97 16.54
CA GLU A 121 -15.20 3.42 17.08
C GLU A 121 -14.42 2.65 16.01
N TYR A 122 -15.18 2.02 15.12
CA TYR A 122 -14.68 1.46 13.87
C TYR A 122 -14.07 2.54 12.99
N ASP A 123 -14.87 3.54 12.58
CA ASP A 123 -14.35 4.66 11.79
C ASP A 123 -13.33 5.50 12.55
N ALA A 124 -13.37 5.37 13.89
CA ALA A 124 -12.47 6.08 14.79
C ALA A 124 -11.12 5.38 14.92
N ALA A 125 -11.07 4.08 14.59
CA ALA A 125 -9.81 3.38 14.42
C ALA A 125 -9.58 2.88 12.96
N TRP A 126 -10.55 3.04 12.07
CA TRP A 126 -10.35 2.78 10.65
C TRP A 126 -9.20 3.70 10.23
N ASN A 127 -9.43 5.01 10.25
CA ASN A 127 -8.45 5.94 9.70
C ASN A 127 -7.20 6.10 10.53
N SER A 128 -7.28 5.71 11.80
CA SER A 128 -6.15 5.82 12.70
C SER A 128 -4.82 5.44 12.08
N PHE A 129 -3.78 5.97 12.70
CA PHE A 129 -2.43 5.71 12.24
C PHE A 129 -1.97 4.32 12.61
N VAL A 130 -2.52 3.74 13.66
CA VAL A 130 -2.12 2.39 13.97
C VAL A 130 -2.98 1.40 13.20
N VAL A 131 -3.76 1.85 12.22
CA VAL A 131 -4.27 0.91 11.21
C VAL A 131 -3.92 1.24 9.75
N LYS A 132 -3.36 2.40 9.48
CA LYS A 132 -2.66 2.59 8.21
C LYS A 132 -1.34 1.83 8.25
N SER A 133 -0.68 1.86 9.40
CA SER A 133 0.52 1.08 9.61
C SER A 133 0.30 -0.42 9.50
N LEU A 134 -0.65 -0.97 10.22
CA LEU A 134 -0.87 -2.41 10.12
C LEU A 134 -1.11 -2.83 8.70
N VAL A 135 -1.80 -1.99 7.91
CA VAL A 135 -2.09 -2.30 6.49
C VAL A 135 -0.82 -2.56 5.65
N ALA A 136 0.13 -1.66 5.71
CA ALA A 136 1.46 -1.95 5.20
C ALA A 136 1.97 -3.31 5.76
N GLN A 137 2.37 -3.38 7.03
CA GLN A 137 2.84 -4.65 7.62
C GLN A 137 2.31 -5.87 6.89
N GLN A 138 1.08 -5.81 6.41
CA GLN A 138 0.48 -6.92 5.63
C GLN A 138 0.98 -7.13 4.18
N GLU A 139 0.90 -6.08 3.39
CA GLU A 139 1.50 -6.09 2.11
C GLU A 139 3.00 -6.43 2.26
N LYS A 140 3.68 -5.83 3.23
CA LYS A 140 5.13 -6.03 3.40
C LYS A 140 5.59 -7.39 3.88
N ALA A 141 4.83 -8.08 4.72
CA ALA A 141 5.18 -9.47 4.99
C ALA A 141 4.88 -10.35 3.78
N ALA A 142 3.92 -9.92 2.96
CA ALA A 142 3.49 -10.69 1.79
C ALA A 142 4.42 -10.60 0.60
N ALA A 143 4.93 -9.41 0.31
CA ALA A 143 5.97 -9.27 -0.69
C ALA A 143 7.27 -9.90 -0.23
N ASP A 144 7.40 -10.20 1.07
CA ASP A 144 8.68 -10.60 1.67
C ASP A 144 8.90 -12.09 1.79
N VAL A 145 7.83 -12.88 1.91
CA VAL A 145 7.94 -14.32 1.69
C VAL A 145 7.18 -14.61 0.43
N GLN A 146 7.52 -13.82 -0.56
CA GLN A 146 7.20 -14.06 -1.93
C GLN A 146 5.92 -14.84 -2.18
N LEU A 147 4.81 -14.30 -1.73
CA LEU A 147 3.53 -14.97 -1.95
C LEU A 147 3.09 -14.87 -3.40
N ARG A 148 2.54 -15.96 -3.89
CA ARG A 148 1.91 -16.00 -5.20
C ARG A 148 0.40 -16.23 -5.07
N GLY A 149 -0.02 -17.05 -4.09
CA GLY A 149 -1.45 -17.34 -3.84
C GLY A 149 -1.85 -17.77 -2.42
N VAL A 150 -3.10 -18.22 -2.29
CA VAL A 150 -3.73 -18.42 -0.96
C VAL A 150 -4.72 -19.56 -0.86
N PRO A 151 -4.91 -20.12 0.34
CA PRO A 151 -4.18 -20.02 1.59
C PRO A 151 -2.66 -20.12 1.48
N ALA A 152 -1.99 -20.30 2.62
CA ALA A 152 -0.53 -20.46 2.68
C ALA A 152 -0.08 -20.21 4.09
N MET A 153 0.71 -21.09 4.69
CA MET A 153 1.23 -20.80 6.02
C MET A 153 2.70 -20.41 5.89
N PHE A 154 3.38 -20.16 7.00
CA PHE A 154 4.82 -19.92 7.00
C PHE A 154 5.22 -19.97 8.46
N VAL A 155 6.25 -20.72 8.81
CA VAL A 155 6.71 -20.73 10.18
C VAL A 155 7.96 -19.93 10.30
N ASN A 156 8.11 -19.22 11.41
CA ASN A 156 9.35 -18.48 11.73
C ASN A 156 9.97 -17.68 10.57
N GLY A 157 9.15 -17.36 9.57
CA GLY A 157 9.64 -16.74 8.34
C GLY A 157 10.82 -17.51 7.76
N LYS A 158 10.66 -18.82 7.65
CA LYS A 158 11.77 -19.68 7.29
C LYS A 158 11.37 -21.02 6.67
N TYR A 159 10.16 -21.51 6.92
CA TYR A 159 9.66 -22.67 6.21
C TYR A 159 8.21 -22.49 5.80
N GLN A 160 7.98 -22.34 4.50
CA GLN A 160 6.65 -22.32 3.96
C GLN A 160 5.94 -23.59 4.39
N LEU A 161 4.71 -23.81 3.97
CA LEU A 161 3.99 -25.04 4.24
C LEU A 161 3.49 -25.68 2.96
N ASN A 162 3.37 -27.01 3.03
CA ASN A 162 3.18 -27.86 1.88
C ASN A 162 2.14 -28.93 2.22
N PRO A 163 0.90 -28.78 1.72
CA PRO A 163 -0.17 -29.74 2.06
C PRO A 163 -0.09 -31.02 1.25
N GLN A 164 0.61 -30.99 0.12
CA GLN A 164 0.66 -32.10 -0.84
C GLN A 164 1.54 -33.22 -0.32
N GLY A 165 2.55 -32.87 0.47
CA GLY A 165 3.37 -33.88 1.12
C GLY A 165 2.67 -34.55 2.29
N MET A 166 1.34 -34.72 2.14
CA MET A 166 0.46 -35.25 3.20
C MET A 166 -0.72 -36.02 2.55
N ASP A 167 -1.56 -36.65 3.37
CA ASP A 167 -2.73 -37.36 2.84
C ASP A 167 -3.69 -36.37 2.21
N THR A 168 -4.43 -36.81 1.20
CA THR A 168 -5.48 -35.98 0.61
C THR A 168 -6.69 -36.85 0.20
N SER A 169 -7.09 -37.74 1.10
CA SER A 169 -8.38 -38.43 1.02
C SER A 169 -9.09 -38.41 2.38
N ASN A 170 -8.31 -38.46 3.47
CA ASN A 170 -8.85 -38.45 4.83
C ASN A 170 -8.67 -37.11 5.53
N MET A 171 -9.81 -36.44 5.75
CA MET A 171 -9.84 -35.10 6.29
C MET A 171 -9.39 -35.14 7.75
N ASP A 172 -10.00 -36.03 8.53
CA ASP A 172 -9.60 -36.25 9.92
C ASP A 172 -8.08 -36.37 10.05
N VAL A 173 -7.45 -37.06 9.09
CA VAL A 173 -6.00 -37.32 9.10
C VAL A 173 -5.14 -36.16 8.56
N PHE A 174 -5.46 -35.70 7.34
CA PHE A 174 -4.83 -34.50 6.73
C PHE A 174 -4.61 -33.42 7.78
N VAL A 175 -5.64 -33.21 8.59
CA VAL A 175 -5.58 -32.34 9.75
C VAL A 175 -4.49 -32.75 10.72
N GLN A 176 -4.66 -33.87 11.43
CA GLN A 176 -3.69 -34.27 12.48
C GLN A 176 -2.24 -34.20 11.96
N GLN A 177 -2.06 -34.56 10.70
CA GLN A 177 -0.77 -34.43 10.02
C GLN A 177 -0.37 -32.94 9.97
N TYR A 178 -1.19 -32.11 9.32
CA TYR A 178 -0.87 -30.69 9.10
C TYR A 178 -0.35 -30.01 10.35
N ALA A 179 -1.07 -30.21 11.45
CA ALA A 179 -0.78 -29.53 12.71
C ALA A 179 0.59 -29.93 13.27
N ASP A 180 0.80 -31.23 13.39
CA ASP A 180 2.12 -31.74 13.79
C ASP A 180 3.21 -30.96 13.06
N THR A 181 3.13 -30.97 11.72
CA THR A 181 4.13 -30.37 10.86
C THR A 181 4.56 -28.97 11.35
N VAL A 182 3.56 -28.19 11.78
CA VAL A 182 3.79 -26.84 12.29
C VAL A 182 4.48 -26.87 13.66
N LYS A 183 4.06 -27.80 14.51
CA LYS A 183 4.66 -27.98 15.84
C LYS A 183 6.15 -28.30 15.68
N TYR A 184 6.45 -29.43 15.06
CA TYR A 184 7.82 -29.81 14.69
C TYR A 184 8.64 -28.62 14.19
N LEU A 185 8.05 -27.82 13.30
CA LEU A 185 8.73 -26.69 12.69
C LEU A 185 8.85 -25.47 13.59
N SER A 186 8.01 -25.39 14.62
CA SER A 186 8.08 -24.27 15.57
C SER A 186 9.35 -24.31 16.43
N GLU A 187 9.85 -25.51 16.70
CA GLU A 187 11.16 -25.68 17.35
C GLU A 187 12.12 -26.29 16.32
N LYS A 188 12.88 -25.41 15.64
CA LYS A 188 13.88 -25.83 14.65
C LYS A 188 14.86 -24.69 14.31
N ALA B 14 1.43 -35.32 -40.55
CA ALA B 14 0.93 -34.68 -39.30
C ALA B 14 1.07 -33.16 -39.40
N TRP B 15 2.31 -32.70 -39.58
CA TRP B 15 2.66 -31.27 -39.63
C TRP B 15 1.51 -30.27 -39.80
N LEU B 16 0.89 -30.27 -40.98
CA LEU B 16 -0.08 -29.23 -41.34
C LEU B 16 -1.43 -29.39 -40.62
N LEU B 17 -1.91 -30.63 -40.51
CA LEU B 17 -3.18 -30.89 -39.81
C LEU B 17 -3.17 -30.38 -38.36
N MET B 18 -2.01 -30.44 -37.72
CA MET B 18 -1.82 -29.91 -36.37
C MET B 18 -1.47 -28.42 -36.39
N ALA B 19 -0.68 -28.00 -37.37
CA ALA B 19 -0.29 -26.59 -37.51
C ALA B 19 -1.43 -25.70 -38.04
N PHE B 20 -2.39 -26.31 -38.74
CA PHE B 20 -3.60 -25.61 -39.19
C PHE B 20 -4.62 -25.50 -38.05
N THR B 21 -4.69 -26.55 -37.23
CA THR B 21 -5.60 -26.62 -36.08
C THR B 21 -4.97 -26.06 -34.79
N ALA B 22 -3.64 -26.06 -34.73
CA ALA B 22 -2.92 -25.46 -33.61
C ALA B 22 -3.07 -23.95 -33.67
N LEU B 23 -2.55 -23.33 -34.73
CA LEU B 23 -2.67 -21.88 -34.94
C LEU B 23 -4.08 -21.35 -34.69
N ALA B 24 -5.07 -22.00 -35.29
CA ALA B 24 -6.49 -21.61 -35.14
C ALA B 24 -6.99 -21.69 -33.69
N LEU B 25 -6.26 -22.42 -32.84
CA LEU B 25 -6.57 -22.49 -31.40
C LEU B 25 -5.51 -21.77 -30.58
N GLU B 26 -4.25 -21.86 -31.01
CA GLU B 26 -3.18 -20.99 -30.54
C GLU B 26 -3.68 -19.55 -30.59
N LEU B 27 -4.23 -19.17 -31.74
CA LEU B 27 -4.71 -17.81 -31.96
C LEU B 27 -6.12 -17.57 -31.44
N THR B 28 -7.05 -18.50 -31.62
CA THR B 28 -8.38 -18.33 -31.04
C THR B 28 -8.26 -17.99 -29.55
N ALA B 29 -7.24 -18.53 -28.92
CA ALA B 29 -6.78 -17.99 -27.64
C ALA B 29 -6.25 -16.58 -27.89
N LEU B 30 -5.10 -16.48 -28.56
CA LEU B 30 -4.38 -15.22 -28.77
C LEU B 30 -5.22 -14.09 -29.40
N TRP B 31 -5.66 -14.28 -30.64
CA TRP B 31 -6.57 -13.34 -31.31
C TRP B 31 -7.36 -12.51 -30.31
N PHE B 32 -8.09 -13.24 -29.45
CA PHE B 32 -9.10 -12.65 -28.59
C PHE B 32 -8.62 -12.50 -27.14
N GLN B 33 -7.50 -13.13 -26.78
CA GLN B 33 -6.82 -12.89 -25.49
C GLN B 33 -6.94 -11.43 -25.04
N HIS B 34 -6.70 -10.52 -25.97
CA HIS B 34 -6.65 -9.08 -25.74
C HIS B 34 -8.03 -8.45 -25.99
N VAL B 35 -8.75 -9.01 -26.97
CA VAL B 35 -10.11 -8.58 -27.30
C VAL B 35 -11.13 -9.03 -26.23
N MET B 36 -10.80 -10.10 -25.50
CA MET B 36 -11.55 -10.51 -24.31
C MET B 36 -11.16 -9.64 -23.10
N LEU B 37 -10.85 -8.37 -23.36
CA LEU B 37 -10.27 -7.43 -22.40
C LEU B 37 -8.97 -7.98 -21.76
N LEU B 38 -9.02 -8.41 -20.52
CA LEU B 38 -7.90 -9.08 -19.83
C LEU B 38 -8.41 -9.84 -18.59
N LYS B 39 -9.03 -10.99 -18.83
CA LYS B 39 -9.53 -11.83 -17.72
C LYS B 39 -8.36 -12.37 -16.87
N PRO B 40 -8.62 -12.59 -15.56
CA PRO B 40 -7.61 -13.11 -14.63
C PRO B 40 -7.46 -14.64 -14.69
N CYS B 41 -6.22 -15.14 -14.77
CA CYS B 41 -5.97 -16.56 -15.07
C CYS B 41 -4.57 -17.08 -14.76
N VAL B 42 -4.48 -18.20 -14.05
CA VAL B 42 -3.21 -18.80 -13.66
C VAL B 42 -2.99 -20.15 -14.35
N LEU B 43 -4.00 -21.00 -14.32
CA LEU B 43 -3.90 -22.32 -14.95
C LEU B 43 -3.81 -22.20 -16.47
N CYS B 44 -4.18 -21.04 -16.99
CA CYS B 44 -4.08 -20.77 -18.42
C CYS B 44 -2.66 -20.93 -18.91
N ILE B 45 -1.74 -20.08 -18.47
CA ILE B 45 -0.36 -20.19 -18.93
C ILE B 45 0.14 -21.63 -18.78
N TYR B 46 -0.04 -22.23 -17.61
CA TYR B 46 0.30 -23.64 -17.42
C TYR B 46 -0.33 -24.50 -18.52
N GLU B 47 -1.59 -24.22 -18.84
CA GLU B 47 -2.30 -24.95 -19.90
C GLU B 47 -1.86 -24.50 -21.29
N ARG B 48 -1.51 -23.22 -21.45
CA ARG B 48 -0.96 -22.72 -22.70
C ARG B 48 0.50 -23.20 -22.89
N VAL B 49 1.09 -23.77 -21.84
CA VAL B 49 2.42 -24.38 -21.92
C VAL B 49 2.34 -25.91 -22.15
N ALA B 50 1.20 -26.51 -21.84
CA ALA B 50 0.91 -27.88 -22.27
C ALA B 50 0.43 -27.89 -23.72
N LEU B 51 0.10 -26.72 -24.26
CA LEU B 51 -0.07 -26.53 -25.69
C LEU B 51 1.27 -26.18 -26.31
N PHE B 52 1.68 -24.92 -26.14
CA PHE B 52 2.80 -24.34 -26.87
C PHE B 52 4.14 -24.95 -26.44
N GLY B 53 4.10 -25.91 -25.51
CA GLY B 53 5.25 -26.72 -25.17
C GLY B 53 5.13 -28.14 -25.70
N VAL B 54 4.05 -28.42 -26.43
CA VAL B 54 3.82 -29.75 -27.02
C VAL B 54 3.49 -29.71 -28.51
N LEU B 55 2.67 -28.75 -28.94
CA LEU B 55 2.38 -28.58 -30.36
C LEU B 55 3.54 -27.90 -31.05
N GLY B 56 3.96 -26.75 -30.49
CA GLY B 56 5.16 -26.06 -30.97
C GLY B 56 6.42 -26.88 -30.86
N ALA B 57 6.38 -27.96 -30.08
CA ALA B 57 7.44 -28.98 -30.04
C ALA B 57 6.88 -30.40 -30.29
N ALA B 58 5.95 -30.50 -31.24
CA ALA B 58 5.42 -31.79 -31.72
C ALA B 58 5.44 -31.83 -33.25
N LEU B 59 5.06 -30.72 -33.88
CA LEU B 59 5.36 -30.47 -35.28
C LEU B 59 6.87 -30.63 -35.43
N ILE B 60 7.60 -29.87 -34.62
CA ILE B 60 9.05 -29.93 -34.59
C ILE B 60 9.51 -30.93 -33.51
N GLY B 61 8.73 -31.98 -33.30
CA GLY B 61 8.95 -32.96 -32.24
C GLY B 61 9.69 -34.20 -32.73
N ALA B 62 8.99 -35.01 -33.53
CA ALA B 62 9.60 -36.19 -34.20
C ALA B 62 9.06 -36.47 -35.60
N ILE B 63 7.80 -36.14 -35.87
CA ILE B 63 7.32 -36.02 -37.24
C ILE B 63 8.27 -35.04 -37.95
N ALA B 64 8.69 -34.00 -37.22
CA ALA B 64 9.95 -33.29 -37.44
C ALA B 64 10.19 -32.70 -38.84
N PRO B 65 11.34 -32.02 -39.05
CA PRO B 65 11.76 -31.66 -40.41
C PRO B 65 11.93 -32.87 -41.37
N LYS B 66 12.27 -34.05 -40.82
CA LYS B 66 12.29 -35.32 -41.57
C LYS B 66 11.33 -36.31 -40.91
N THR B 67 10.67 -37.14 -41.73
CA THR B 67 9.54 -37.96 -41.27
C THR B 67 9.75 -39.50 -41.03
N PRO B 68 11.01 -39.95 -40.76
CA PRO B 68 11.22 -41.38 -40.48
C PRO B 68 11.38 -41.75 -38.99
N LEU B 69 11.22 -40.77 -38.10
CA LEU B 69 11.52 -40.93 -36.67
C LEU B 69 10.46 -40.26 -35.79
N ARG B 70 9.24 -40.82 -35.88
CA ARG B 70 8.03 -40.23 -35.30
C ARG B 70 7.70 -40.80 -33.90
N TYR B 71 8.73 -41.25 -33.18
CA TYR B 71 8.57 -41.81 -31.81
C TYR B 71 9.09 -40.89 -30.70
N VAL B 72 9.89 -39.89 -31.08
CA VAL B 72 10.33 -38.84 -30.13
C VAL B 72 9.16 -37.92 -29.81
N ALA B 73 8.30 -37.70 -30.80
CA ALA B 73 7.04 -36.99 -30.61
C ALA B 73 6.13 -37.88 -29.76
N MET B 74 6.05 -39.16 -30.10
CA MET B 74 5.32 -40.15 -29.28
C MET B 74 5.70 -40.10 -27.77
N VAL B 75 6.90 -39.56 -27.47
CA VAL B 75 7.34 -39.31 -26.08
C VAL B 75 7.12 -37.84 -25.62
N ILE B 76 7.10 -36.91 -26.57
CA ILE B 76 6.62 -35.53 -26.31
C ILE B 76 5.09 -35.54 -26.27
N TRP B 77 4.48 -36.43 -27.05
CA TRP B 77 3.05 -36.70 -27.00
C TRP B 77 2.69 -37.57 -25.78
N LEU B 78 3.69 -37.96 -24.99
CA LEU B 78 3.46 -38.60 -23.69
C LEU B 78 3.29 -37.54 -22.60
N TYR B 79 4.34 -36.78 -22.28
CA TYR B 79 4.22 -35.64 -21.38
C TYR B 79 3.77 -34.45 -22.21
N SER B 80 2.58 -34.57 -22.78
CA SER B 80 1.98 -33.51 -23.56
C SER B 80 0.69 -33.17 -22.87
N ALA B 81 -0.43 -33.34 -23.58
CA ALA B 81 -1.74 -33.20 -22.97
C ALA B 81 -1.97 -34.25 -21.89
N PHE B 82 -0.97 -35.09 -21.63
CA PHE B 82 -0.93 -35.87 -20.41
C PHE B 82 -1.26 -34.91 -19.28
N ARG B 83 -0.41 -33.90 -19.14
CA ARG B 83 -0.67 -32.81 -18.24
C ARG B 83 -1.89 -32.05 -18.76
N GLY B 84 -1.81 -31.61 -20.02
CA GLY B 84 -2.88 -30.85 -20.69
C GLY B 84 -4.28 -31.33 -20.37
N VAL B 85 -4.43 -32.62 -20.12
CA VAL B 85 -5.67 -33.17 -19.62
C VAL B 85 -5.90 -32.68 -18.19
N GLN B 86 -5.12 -33.22 -17.25
CA GLN B 86 -5.38 -32.98 -15.82
C GLN B 86 -5.24 -31.50 -15.44
N LEU B 87 -4.40 -30.75 -16.15
CA LEU B 87 -4.32 -29.33 -15.87
C LEU B 87 -5.71 -28.71 -16.02
N THR B 88 -6.34 -28.91 -17.17
CA THR B 88 -7.72 -28.43 -17.41
C THR B 88 -8.79 -29.26 -16.69
N TYR B 89 -8.49 -30.55 -16.48
CA TYR B 89 -9.37 -31.44 -15.72
C TYR B 89 -9.45 -31.00 -14.25
N GLU B 90 -8.30 -30.75 -13.61
CA GLU B 90 -8.27 -30.17 -12.26
C GLU B 90 -8.95 -28.81 -12.27
N HIS B 91 -8.35 -27.86 -12.99
CA HIS B 91 -8.96 -26.54 -13.27
C HIS B 91 -10.49 -26.54 -13.16
N THR B 92 -11.12 -27.42 -13.94
CA THR B 92 -12.57 -27.46 -14.03
C THR B 92 -13.18 -28.00 -12.73
N MET B 93 -12.64 -29.12 -12.26
CA MET B 93 -13.12 -29.77 -11.03
C MET B 93 -13.32 -28.75 -9.90
N LEU B 94 -12.36 -27.84 -9.76
CA LEU B 94 -12.30 -26.95 -8.62
C LEU B 94 -13.30 -25.81 -8.71
N GLN B 95 -13.83 -25.54 -9.91
CA GLN B 95 -14.74 -24.40 -10.13
C GLN B 95 -16.05 -24.50 -9.30
N LEU B 96 -16.67 -25.68 -9.31
CA LEU B 96 -17.86 -25.98 -8.50
C LEU B 96 -17.56 -26.94 -7.35
N TYR B 97 -16.47 -27.70 -7.47
CA TYR B 97 -16.07 -28.64 -6.42
C TYR B 97 -14.68 -28.31 -5.84
N PRO B 98 -14.66 -27.42 -4.81
CA PRO B 98 -13.43 -26.94 -4.16
C PRO B 98 -12.77 -27.93 -3.21
N SER B 99 -11.67 -27.49 -2.60
CA SER B 99 -10.82 -28.33 -1.79
C SER B 99 -10.20 -27.45 -0.76
N PRO B 100 -9.91 -27.99 0.42
CA PRO B 100 -9.03 -27.29 1.37
C PRO B 100 -7.59 -27.23 0.89
N PHE B 101 -7.09 -28.37 0.42
CA PHE B 101 -5.66 -28.58 0.19
C PHE B 101 -5.01 -27.85 -1.00
N ALA B 102 -5.82 -27.17 -1.81
CA ALA B 102 -5.32 -26.52 -3.01
C ALA B 102 -4.93 -25.07 -2.71
N THR B 103 -4.89 -24.23 -3.75
CA THR B 103 -4.64 -22.80 -3.60
C THR B 103 -5.47 -22.04 -4.67
N CYS B 104 -5.12 -20.77 -4.90
CA CYS B 104 -5.67 -19.96 -6.01
C CYS B 104 -4.84 -18.67 -6.05
N ASP B 105 -4.19 -18.42 -7.20
CA ASP B 105 -3.02 -17.51 -7.25
C ASP B 105 -3.09 -16.42 -8.35
N PHE B 106 -1.95 -15.80 -8.67
CA PHE B 106 -1.83 -15.00 -9.91
C PHE B 106 -0.36 -14.84 -10.32
N MET B 107 0.34 -15.97 -10.52
CA MET B 107 1.81 -15.93 -10.64
C MET B 107 2.57 -16.96 -11.53
N VAL B 108 3.63 -16.44 -12.11
CA VAL B 108 4.76 -17.19 -12.68
C VAL B 108 5.21 -18.39 -11.83
N ARG B 109 6.04 -19.23 -12.44
CA ARG B 109 7.14 -19.98 -11.76
C ARG B 109 7.83 -21.02 -12.65
N PHE B 110 9.14 -21.19 -12.42
CA PHE B 110 9.94 -22.20 -13.12
C PHE B 110 11.03 -22.73 -12.18
N PRO B 111 10.88 -24.00 -11.72
CA PRO B 111 11.73 -24.59 -10.68
C PRO B 111 13.18 -24.92 -11.11
N GLU B 112 13.67 -24.31 -12.21
CA GLU B 112 15.01 -24.55 -12.73
C GLU B 112 15.49 -23.43 -13.68
N TRP B 113 14.88 -22.25 -13.55
CA TRP B 113 15.15 -21.10 -14.43
C TRP B 113 14.82 -21.41 -15.91
N LEU B 114 13.54 -21.29 -16.20
CA LEU B 114 13.00 -21.34 -17.56
C LEU B 114 12.16 -20.06 -17.68
N PRO B 115 12.78 -18.91 -17.39
CA PRO B 115 12.06 -17.75 -16.87
C PRO B 115 11.24 -16.98 -17.91
N LEU B 116 11.89 -16.59 -19.01
CA LEU B 116 11.31 -15.76 -20.09
C LEU B 116 9.89 -16.18 -20.49
N ASP B 117 9.52 -17.40 -20.11
CA ASP B 117 8.23 -18.03 -20.44
C ASP B 117 7.01 -17.40 -19.80
N LYS B 118 7.22 -16.57 -18.77
CA LYS B 118 6.11 -15.83 -18.16
C LYS B 118 6.41 -14.34 -18.06
N TRP B 119 7.41 -13.92 -18.83
CA TRP B 119 7.68 -12.53 -19.08
C TRP B 119 7.48 -12.26 -20.58
N VAL B 120 6.85 -13.21 -21.26
CA VAL B 120 6.51 -13.06 -22.68
C VAL B 120 5.09 -13.59 -23.04
N PRO B 121 4.81 -14.91 -22.93
CA PRO B 121 3.44 -15.40 -23.22
C PRO B 121 2.33 -15.08 -22.19
N GLN B 122 2.68 -14.74 -20.95
CA GLN B 122 1.75 -14.08 -20.01
C GLN B 122 1.88 -12.53 -20.11
N VAL B 123 3.07 -12.05 -20.44
CA VAL B 123 3.32 -10.61 -20.62
C VAL B 123 2.66 -10.07 -21.88
N PHE B 124 2.98 -10.67 -23.03
CA PHE B 124 2.29 -10.34 -24.28
C PHE B 124 0.99 -11.17 -24.41
N VAL B 125 0.05 -10.85 -23.52
CA VAL B 125 -1.35 -11.29 -23.61
C VAL B 125 -2.26 -10.07 -23.88
N ALA B 126 -1.71 -8.86 -23.77
CA ALA B 126 -2.41 -7.61 -24.09
C ALA B 126 -1.63 -6.84 -25.15
N MET B 142 -16.09 -20.84 -21.53
CA MET B 142 -14.88 -21.09 -22.30
C MET B 142 -14.08 -22.34 -21.89
N PRO B 143 -13.82 -22.54 -20.58
CA PRO B 143 -13.05 -23.73 -20.23
C PRO B 143 -13.78 -25.00 -20.68
N GLN B 144 -15.11 -24.97 -20.58
CA GLN B 144 -16.02 -25.94 -21.21
C GLN B 144 -15.37 -26.71 -22.37
N TRP B 145 -14.85 -25.94 -23.32
CA TRP B 145 -14.25 -26.48 -24.55
C TRP B 145 -12.88 -27.08 -24.23
N LEU B 146 -12.06 -26.32 -23.49
CA LEU B 146 -10.71 -26.73 -23.08
C LEU B 146 -10.69 -28.11 -22.45
N LEU B 147 -11.46 -28.26 -21.37
CA LEU B 147 -11.52 -29.50 -20.58
C LEU B 147 -11.64 -30.75 -21.47
N GLY B 148 -12.51 -30.65 -22.47
CA GLY B 148 -12.79 -31.76 -23.39
C GLY B 148 -11.83 -31.87 -24.57
N ILE B 149 -11.50 -30.73 -25.19
CA ILE B 149 -10.62 -30.74 -26.37
C ILE B 149 -9.20 -31.19 -26.03
N PHE B 150 -8.74 -30.90 -24.81
CA PHE B 150 -7.43 -31.36 -24.33
C PHE B 150 -7.37 -32.89 -24.18
N ILE B 151 -8.50 -33.51 -23.83
CA ILE B 151 -8.59 -34.97 -23.77
C ILE B 151 -8.95 -35.53 -25.14
N ALA B 152 -9.67 -34.72 -25.93
CA ALA B 152 -10.11 -35.12 -27.27
C ALA B 152 -8.94 -35.11 -28.26
N TYR B 153 -8.07 -34.10 -28.15
CA TYR B 153 -6.84 -34.06 -28.94
C TYR B 153 -5.76 -34.99 -28.35
N LEU B 154 -6.19 -35.92 -27.47
CA LEU B 154 -5.30 -36.89 -26.86
C LEU B 154 -5.57 -38.29 -27.38
N ILE B 155 -6.77 -38.82 -27.15
CA ILE B 155 -7.10 -40.21 -27.55
C ILE B 155 -6.96 -40.39 -29.07
N VAL B 156 -7.39 -39.38 -29.81
CA VAL B 156 -7.20 -39.31 -31.27
C VAL B 156 -5.69 -39.24 -31.59
N ALA B 157 -4.96 -38.46 -30.82
CA ALA B 157 -3.50 -38.36 -30.96
C ALA B 157 -2.78 -39.63 -30.49
N VAL B 158 -3.43 -40.41 -29.62
CA VAL B 158 -2.85 -41.65 -29.10
C VAL B 158 -3.08 -42.81 -30.06
N LEU B 159 -4.36 -43.09 -30.33
CA LEU B 159 -4.80 -44.29 -31.07
C LEU B 159 -4.08 -44.53 -32.40
N VAL B 160 -4.13 -43.53 -33.30
CA VAL B 160 -3.59 -43.63 -34.66
C VAL B 160 -2.04 -43.72 -34.70
N VAL B 161 -1.38 -43.27 -33.63
CA VAL B 161 0.08 -43.27 -33.56
C VAL B 161 0.66 -44.40 -32.69
N ILE B 162 -0.06 -44.84 -31.66
CA ILE B 162 0.38 -45.98 -30.87
C ILE B 162 -0.14 -47.28 -31.46
N ALA C 1 21.49 22.42 29.59
CA ALA C 1 22.01 23.82 29.50
C ALA C 1 21.44 24.57 28.28
N GLN C 2 21.56 23.99 27.08
CA GLN C 2 21.22 24.68 25.82
C GLN C 2 20.74 23.76 24.67
N TYR C 3 20.09 22.63 25.01
CA TYR C 3 19.46 21.73 24.01
C TYR C 3 18.11 21.21 24.49
N GLU C 4 17.03 21.76 23.91
CA GLU C 4 15.71 21.70 24.53
C GLU C 4 14.66 20.94 23.74
N ASP C 5 13.92 20.09 24.44
CA ASP C 5 12.62 19.63 23.97
C ASP C 5 11.79 20.86 23.56
N GLY C 6 10.83 20.67 22.67
CA GLY C 6 9.91 21.74 22.26
C GLY C 6 10.54 22.88 21.48
N LYS C 7 11.87 22.93 21.46
CA LYS C 7 12.62 24.01 20.83
C LYS C 7 13.22 23.55 19.49
N GLN C 8 14.40 22.92 19.52
CA GLN C 8 15.13 22.54 18.30
C GLN C 8 14.68 21.17 17.77
N TYR C 9 14.04 20.39 18.61
CA TYR C 9 13.40 19.12 18.23
C TYR C 9 12.20 18.92 19.12
N THR C 10 11.28 18.05 18.72
CA THR C 10 10.12 17.70 19.55
C THR C 10 10.16 16.19 19.75
N THR C 11 10.23 15.74 21.01
CA THR C 11 10.34 14.30 21.29
C THR C 11 9.09 13.53 20.81
N LEU C 12 9.32 12.31 20.33
CA LEU C 12 8.23 11.45 19.84
C LEU C 12 7.52 10.79 21.01
N GLU C 13 6.20 10.95 21.02
CA GLU C 13 5.37 10.48 22.11
C GLU C 13 5.25 8.95 22.09
N LYS C 14 5.04 8.40 20.90
CA LYS C 14 4.88 6.95 20.68
C LYS C 14 6.06 6.39 19.91
N PRO C 15 7.16 6.06 20.62
CA PRO C 15 8.42 5.68 19.99
C PRO C 15 8.37 4.34 19.26
N VAL C 16 8.84 4.34 18.02
CA VAL C 16 8.86 3.14 17.19
C VAL C 16 10.30 2.59 17.11
N ALA C 17 10.44 1.32 17.49
CA ALA C 17 11.72 0.62 17.43
C ALA C 17 11.81 -0.26 16.18
N GLY C 18 13.04 -0.60 15.80
CA GLY C 18 13.29 -1.25 14.53
C GLY C 18 13.48 -0.23 13.42
N ALA C 19 13.57 1.05 13.82
CA ALA C 19 13.65 2.13 12.87
C ALA C 19 15.04 2.19 12.24
N PRO C 20 15.20 3.08 11.25
CA PRO C 20 16.51 3.42 10.71
C PRO C 20 17.40 4.10 11.76
N GLN C 21 18.58 4.52 11.33
CA GLN C 21 19.42 5.34 12.20
C GLN C 21 19.18 6.83 11.97
N VAL C 22 18.49 7.16 10.88
CA VAL C 22 17.85 8.47 10.71
C VAL C 22 17.04 8.44 9.44
N LEU C 23 15.72 8.55 9.53
CA LEU C 23 14.83 8.52 8.35
C LEU C 23 14.72 9.92 7.79
N GLU C 24 14.12 10.12 6.63
CA GLU C 24 13.84 11.48 6.16
C GLU C 24 12.81 11.63 5.02
N PHE C 25 11.53 11.60 5.35
CA PHE C 25 10.52 11.61 4.31
C PHE C 25 10.66 12.87 3.48
N PHE C 26 9.96 12.88 2.36
CA PHE C 26 9.92 13.99 1.41
C PHE C 26 9.08 13.59 0.22
N SER C 27 8.56 14.57 -0.52
CA SER C 27 7.88 14.29 -1.78
C SER C 27 8.51 15.02 -2.96
N PHE C 28 8.37 14.45 -4.15
CA PHE C 28 8.77 15.14 -5.40
C PHE C 28 7.62 16.09 -5.85
N PHE C 29 7.25 16.99 -4.96
CA PHE C 29 6.06 17.79 -5.16
C PHE C 29 6.07 19.04 -4.28
N CYS C 30 6.57 18.88 -3.06
CA CYS C 30 6.66 19.97 -2.10
C CYS C 30 7.85 20.85 -2.43
N PRO C 31 7.58 22.07 -2.92
CA PRO C 31 8.69 22.99 -3.13
C PRO C 31 9.61 22.99 -1.94
N HIS C 32 9.05 23.06 -0.75
CA HIS C 32 9.85 23.07 0.47
C HIS C 32 10.69 21.82 0.50
N ALA C 33 10.10 20.71 0.07
CA ALA C 33 10.86 19.51 -0.22
C ALA C 33 12.04 19.88 -1.12
N TYR C 34 11.74 20.32 -2.33
CA TYR C 34 12.78 20.75 -3.25
C TYR C 34 13.77 21.64 -2.49
N GLN C 35 13.32 22.82 -2.07
CA GLN C 35 14.20 23.77 -1.43
C GLN C 35 15.15 23.03 -0.49
N PHE C 36 14.58 22.24 0.42
CA PHE C 36 15.32 21.58 1.49
C PHE C 36 16.58 20.87 0.97
N GLU C 37 16.44 20.22 -0.19
CA GLU C 37 17.47 19.36 -0.72
C GLU C 37 18.14 19.91 -1.99
N GLU C 38 17.40 20.66 -2.78
CA GLU C 38 17.95 21.27 -3.98
C GLU C 38 18.51 22.68 -3.78
N VAL C 39 17.85 23.46 -2.94
CA VAL C 39 18.24 24.86 -2.70
C VAL C 39 19.22 24.98 -1.50
N LEU C 40 19.28 23.96 -0.63
CA LEU C 40 20.16 24.00 0.53
C LEU C 40 21.13 22.83 0.65
N HIS C 41 20.96 21.84 -0.21
CA HIS C 41 21.79 20.64 -0.17
C HIS C 41 22.00 20.18 1.32
N ILE C 42 20.89 19.91 2.03
CA ILE C 42 20.88 19.63 3.50
C ILE C 42 21.38 18.26 3.96
N SER C 43 20.89 17.22 3.31
CA SER C 43 21.28 15.86 3.62
C SER C 43 22.79 15.74 3.57
N ASP C 44 23.34 16.22 2.45
CA ASP C 44 24.78 16.19 2.18
C ASP C 44 25.56 16.74 3.37
N ASN C 45 25.25 17.97 3.73
CA ASN C 45 25.81 18.61 4.93
C ASN C 45 25.70 17.67 6.13
N VAL C 46 24.47 17.24 6.39
CA VAL C 46 24.17 16.48 7.59
C VAL C 46 24.94 15.17 7.60
N LYS C 47 25.00 14.50 6.44
CA LYS C 47 25.81 13.30 6.28
C LYS C 47 27.20 13.54 6.84
N LYS C 48 27.75 14.72 6.52
CA LYS C 48 29.11 15.11 6.89
C LYS C 48 29.28 15.35 8.38
N LYS C 49 28.19 15.75 9.04
CA LYS C 49 28.18 15.83 10.51
C LYS C 49 28.04 14.45 11.17
N LEU C 50 27.35 13.52 10.52
CA LEU C 50 27.15 12.20 11.11
C LEU C 50 28.47 11.49 11.43
N PRO C 51 28.48 10.70 12.52
CA PRO C 51 29.59 9.83 12.92
C PRO C 51 30.02 8.74 11.91
N GLU C 52 30.74 7.74 12.42
CA GLU C 52 31.15 6.59 11.64
C GLU C 52 29.93 5.73 11.28
N GLY C 53 29.62 5.72 9.98
CA GLY C 53 28.67 4.76 9.40
C GLY C 53 27.27 4.76 10.02
N VAL C 54 26.79 5.95 10.37
CA VAL C 54 25.41 6.11 10.83
C VAL C 54 24.52 6.26 9.58
N LYS C 55 23.87 5.14 9.25
CA LYS C 55 23.00 5.02 8.10
C LYS C 55 22.15 6.28 7.98
N MET C 56 22.51 7.18 7.09
CA MET C 56 21.56 8.20 6.65
C MET C 56 20.59 7.47 5.72
N THR C 57 19.30 7.67 5.89
CA THR C 57 18.29 6.97 5.13
C THR C 57 17.22 7.97 4.68
N LYS C 58 16.53 7.67 3.60
CA LYS C 58 15.55 8.60 3.08
C LYS C 58 14.44 7.78 2.52
N TYR C 59 13.25 8.37 2.42
CA TYR C 59 12.08 7.74 1.77
C TYR C 59 11.36 8.77 0.94
N HIS C 60 10.28 8.36 0.27
CA HIS C 60 9.42 9.28 -0.47
C HIS C 60 7.99 9.05 -0.02
N VAL C 61 7.12 10.06 -0.03
CA VAL C 61 5.69 9.88 0.38
C VAL C 61 4.54 10.36 -0.54
N ASN C 62 3.39 9.76 -0.27
CA ASN C 62 2.35 9.50 -1.26
C ASN C 62 1.34 10.57 -1.49
N PHE C 63 0.84 11.11 -0.38
CA PHE C 63 -0.47 11.80 -0.39
C PHE C 63 -0.61 12.82 -1.53
N MET C 64 0.47 13.60 -1.76
CA MET C 64 0.51 14.63 -2.80
C MET C 64 0.78 14.01 -4.19
N GLY C 65 -0.17 14.24 -5.11
CA GLY C 65 -0.09 13.70 -6.48
C GLY C 65 -0.97 12.47 -6.73
N GLY C 66 -1.44 11.84 -5.64
CA GLY C 66 -2.29 10.65 -5.72
C GLY C 66 -1.77 9.57 -6.64
N ASP C 67 -2.27 9.59 -7.89
CA ASP C 67 -1.98 8.56 -8.90
C ASP C 67 -0.49 8.48 -9.20
N LEU C 68 0.09 9.64 -9.51
CA LEU C 68 1.51 9.72 -9.73
C LEU C 68 2.21 9.57 -8.40
N GLY C 69 1.58 10.11 -7.37
CA GLY C 69 2.09 9.94 -6.01
C GLY C 69 2.69 8.56 -5.85
N LYS C 70 1.87 7.54 -6.13
CA LYS C 70 2.34 6.17 -6.06
C LYS C 70 3.52 5.90 -7.01
N ASP C 71 3.24 5.68 -8.29
CA ASP C 71 4.29 5.48 -9.33
C ASP C 71 5.65 5.96 -8.85
N LEU C 72 5.70 7.24 -8.46
CA LEU C 72 6.91 7.89 -7.96
C LEU C 72 7.65 7.13 -6.84
N THR C 73 6.89 6.72 -5.83
CA THR C 73 7.40 5.89 -4.73
C THR C 73 8.09 4.61 -5.27
N GLN C 74 7.41 3.89 -6.20
CA GLN C 74 7.97 2.67 -6.79
C GLN C 74 9.03 3.02 -7.81
N ALA C 75 8.88 4.20 -8.37
CA ALA C 75 9.96 4.80 -9.07
C ALA C 75 11.12 4.75 -8.10
N TRP C 76 10.95 5.36 -6.93
CA TRP C 76 12.03 5.48 -5.95
C TRP C 76 12.41 4.11 -5.46
N ALA C 77 11.43 3.34 -5.03
CA ALA C 77 11.70 1.99 -4.60
C ALA C 77 12.88 1.40 -5.37
N VAL C 78 12.67 1.13 -6.65
CA VAL C 78 13.74 0.68 -7.55
C VAL C 78 15.00 1.38 -7.04
N ALA C 79 15.01 2.69 -7.20
CA ALA C 79 16.20 3.50 -7.06
C ALA C 79 16.87 3.30 -5.70
N MET C 80 16.18 2.68 -4.76
CA MET C 80 16.82 2.31 -3.52
C MET C 80 17.51 0.98 -3.73
N ALA C 81 16.78 0.07 -4.38
CA ALA C 81 17.24 -1.29 -4.60
C ALA C 81 18.43 -1.36 -5.55
N LEU C 82 18.30 -0.74 -6.72
CA LEU C 82 19.38 -0.76 -7.68
C LEU C 82 20.61 -0.11 -7.06
N GLY C 83 20.57 1.21 -6.88
CA GLY C 83 21.68 1.97 -6.29
C GLY C 83 21.48 3.44 -6.53
N VAL C 84 21.42 3.76 -7.82
CA VAL C 84 20.71 4.92 -8.43
C VAL C 84 20.09 6.16 -7.68
N GLU C 85 19.61 6.10 -6.43
CA GLU C 85 18.94 7.29 -5.83
C GLU C 85 19.73 8.55 -6.22
N ASP C 86 21.02 8.54 -5.92
CA ASP C 86 21.88 9.70 -6.13
C ASP C 86 21.76 10.24 -7.53
N LYS C 87 21.69 9.33 -8.50
CA LYS C 87 21.66 9.72 -9.91
C LYS C 87 20.26 10.09 -10.47
N VAL C 88 19.18 9.65 -9.83
CA VAL C 88 17.84 10.03 -10.26
C VAL C 88 17.26 11.18 -9.44
N THR C 89 17.80 11.35 -8.22
CA THR C 89 17.32 12.34 -7.26
C THR C 89 16.91 13.65 -7.94
N VAL C 90 17.91 14.27 -8.55
CA VAL C 90 17.75 15.59 -9.13
C VAL C 90 16.87 15.53 -10.38
N PRO C 91 17.31 14.84 -11.44
CA PRO C 91 16.49 14.79 -12.65
C PRO C 91 15.01 14.75 -12.35
N LEU C 92 14.61 13.78 -11.53
CA LEU C 92 13.19 13.58 -11.17
C LEU C 92 12.60 14.81 -10.49
N PHE C 93 13.35 15.35 -9.54
CA PHE C 93 12.94 16.56 -8.85
C PHE C 93 12.62 17.63 -9.87
N GLU C 94 13.66 18.00 -10.59
CA GLU C 94 13.56 18.93 -11.69
C GLU C 94 12.46 18.51 -12.64
N GLY C 95 12.40 17.20 -12.89
CA GLY C 95 11.40 16.61 -13.77
C GLY C 95 9.98 17.00 -13.39
N VAL C 96 9.56 16.59 -12.20
CA VAL C 96 8.17 16.81 -11.78
C VAL C 96 7.86 18.29 -11.52
N GLN C 97 8.76 18.95 -10.76
CA GLN C 97 8.49 20.28 -10.18
C GLN C 97 8.85 21.43 -11.13
N LYS C 98 10.15 21.59 -11.39
CA LYS C 98 10.69 22.80 -12.03
C LYS C 98 10.48 22.81 -13.56
N THR C 99 10.98 21.76 -14.23
CA THR C 99 10.91 21.69 -15.68
C THR C 99 9.50 21.33 -16.20
N GLN C 100 8.63 20.84 -15.30
CA GLN C 100 7.19 20.60 -15.56
C GLN C 100 6.90 19.60 -16.71
N THR C 101 7.80 18.62 -16.83
CA THR C 101 7.84 17.71 -17.97
C THR C 101 7.34 16.27 -17.67
N ILE C 102 7.20 15.92 -16.40
CA ILE C 102 6.77 14.57 -16.02
C ILE C 102 5.27 14.51 -15.92
N ARG C 103 4.69 13.41 -16.40
CA ARG C 103 3.24 13.22 -16.37
C ARG C 103 2.86 11.75 -16.09
N SER C 104 3.45 10.83 -16.85
CA SER C 104 3.12 9.40 -16.79
C SER C 104 4.30 8.52 -16.39
N ALA C 105 3.97 7.31 -15.93
CA ALA C 105 4.98 6.31 -15.55
C ALA C 105 6.10 6.22 -16.59
N SER C 106 5.71 6.35 -17.85
CA SER C 106 6.65 6.27 -18.95
C SER C 106 7.57 7.47 -18.95
N ASP C 107 7.01 8.66 -18.69
CA ASP C 107 7.85 9.86 -18.61
C ASP C 107 8.97 9.63 -17.60
N ILE C 108 8.61 9.00 -16.48
CA ILE C 108 9.54 8.69 -15.38
C ILE C 108 10.50 7.59 -15.80
N ARG C 109 9.90 6.49 -16.26
CA ARG C 109 10.64 5.40 -16.89
C ARG C 109 11.87 5.95 -17.62
N ASP C 110 11.63 6.83 -18.59
CA ASP C 110 12.69 7.39 -19.43
C ASP C 110 13.74 8.17 -18.65
N VAL C 111 13.34 8.79 -17.55
CA VAL C 111 14.26 9.61 -16.75
C VAL C 111 15.25 8.75 -15.98
N PHE C 112 14.89 7.49 -15.77
CA PHE C 112 15.85 6.51 -15.30
C PHE C 112 16.74 6.07 -16.46
N ILE C 113 16.13 5.61 -17.55
CA ILE C 113 16.87 5.25 -18.77
C ILE C 113 18.08 6.17 -18.95
N ASN C 114 17.80 7.47 -19.10
CA ASN C 114 18.80 8.51 -19.40
C ASN C 114 20.00 8.58 -18.45
N ALA C 115 19.75 8.43 -17.15
CA ALA C 115 20.80 8.60 -16.13
C ALA C 115 21.64 7.32 -15.94
N GLY C 116 21.58 6.44 -16.92
CA GLY C 116 22.35 5.20 -16.89
C GLY C 116 21.57 4.08 -16.26
N ILE C 117 20.30 3.92 -16.64
CA ILE C 117 19.50 2.77 -16.20
C ILE C 117 18.90 2.04 -17.40
N LYS C 118 18.99 0.72 -17.36
CA LYS C 118 18.63 -0.14 -18.49
C LYS C 118 17.13 -0.44 -18.50
N GLY C 119 16.44 0.10 -19.51
CA GLY C 119 14.98 -0.01 -19.69
C GLY C 119 14.27 -1.32 -19.33
N GLU C 120 15.01 -2.42 -19.34
CA GLU C 120 14.47 -3.67 -18.82
C GLU C 120 14.83 -3.78 -17.34
N GLU C 121 16.11 -3.62 -17.00
CA GLU C 121 16.63 -3.88 -15.64
C GLU C 121 15.84 -3.10 -14.57
N TYR C 122 15.40 -1.92 -14.97
CA TYR C 122 14.40 -1.15 -14.26
C TYR C 122 13.10 -1.95 -14.14
N ASP C 123 12.46 -2.27 -15.27
CA ASP C 123 11.21 -3.04 -15.25
C ASP C 123 11.42 -4.43 -14.67
N ALA C 124 12.67 -4.87 -14.70
CA ALA C 124 13.07 -6.18 -14.21
C ALA C 124 13.24 -6.18 -12.70
N ALA C 125 13.46 -5.00 -12.11
CA ALA C 125 13.39 -4.83 -10.66
C ALA C 125 12.24 -3.90 -10.21
N TRP C 126 11.49 -3.33 -11.16
CA TRP C 126 10.26 -2.61 -10.84
C TRP C 126 9.35 -3.63 -10.16
N ASN C 127 8.92 -4.63 -10.91
CA ASN C 127 7.91 -5.57 -10.39
C ASN C 127 8.40 -6.53 -9.34
N SER C 128 9.71 -6.68 -9.25
CA SER C 128 10.34 -7.59 -8.30
C SER C 128 9.71 -7.54 -6.96
N PHE C 129 9.90 -8.61 -6.23
CA PHE C 129 9.37 -8.73 -4.89
C PHE C 129 10.18 -7.91 -3.90
N VAL C 130 11.43 -7.67 -4.18
CA VAL C 130 12.18 -6.85 -3.25
C VAL C 130 11.94 -5.39 -3.56
N VAL C 131 11.00 -5.05 -4.43
CA VAL C 131 10.54 -3.65 -4.47
C VAL C 131 9.05 -3.43 -4.22
N LYS C 132 8.25 -4.49 -4.24
CA LYS C 132 6.91 -4.37 -3.69
C LYS C 132 7.05 -4.30 -2.21
N SER C 133 8.04 -5.01 -1.66
CA SER C 133 8.34 -4.97 -0.23
C SER C 133 8.86 -3.65 0.22
N LEU C 134 9.88 -3.12 -0.42
CA LEU C 134 10.35 -1.81 -0.01
C LEU C 134 9.19 -0.79 0.02
N VAL C 135 8.30 -0.85 -0.96
CA VAL C 135 7.20 0.11 -1.08
C VAL C 135 6.33 0.16 0.16
N ALA C 136 5.92 -1.00 0.64
CA ALA C 136 5.30 -1.09 1.94
C ALA C 136 6.18 -0.43 3.00
N GLN C 137 7.33 -1.01 3.35
CA GLN C 137 8.25 -0.39 4.33
C GLN C 137 8.16 1.13 4.40
N GLN C 138 7.94 1.79 3.27
CA GLN C 138 7.77 3.26 3.21
C GLN C 138 6.48 3.82 3.83
N GLU C 139 5.36 3.35 3.29
CA GLU C 139 4.08 3.63 3.86
C GLU C 139 4.15 3.26 5.36
N LYS C 140 4.71 2.09 5.68
CA LYS C 140 4.69 1.59 7.09
C LYS C 140 5.62 2.30 8.05
N ALA C 141 6.71 2.90 7.60
CA ALA C 141 7.44 3.78 8.52
C ALA C 141 6.73 5.13 8.66
N ALA C 142 5.97 5.51 7.63
CA ALA C 142 5.28 6.79 7.61
C ALA C 142 4.03 6.81 8.50
N ALA C 143 3.22 5.76 8.43
CA ALA C 143 2.08 5.60 9.31
C ALA C 143 2.51 5.44 10.74
N ASP C 144 3.81 5.18 10.96
CA ASP C 144 4.34 4.74 12.26
C ASP C 144 5.03 5.79 13.11
N VAL C 145 5.62 6.80 12.49
CA VAL C 145 5.93 8.05 13.21
C VAL C 145 4.98 9.15 12.73
N GLN C 146 3.73 8.76 12.67
CA GLN C 146 2.63 9.66 12.49
C GLN C 146 2.96 10.88 11.65
N LEU C 147 3.24 10.67 10.38
CA LEU C 147 3.49 11.80 9.49
C LEU C 147 2.19 12.46 9.05
N ARG C 148 2.24 13.79 9.04
CA ARG C 148 1.16 14.62 8.51
C ARG C 148 1.57 15.35 7.22
N GLY C 149 2.85 15.76 7.14
CA GLY C 149 3.42 16.47 5.99
C GLY C 149 4.94 16.45 5.82
N VAL C 150 5.44 17.25 4.88
CA VAL C 150 6.81 17.12 4.34
C VAL C 150 7.50 18.44 4.00
N PRO C 151 8.84 18.45 4.00
CA PRO C 151 9.84 17.53 4.57
C PRO C 151 9.55 17.08 5.99
N ALA C 152 10.56 16.51 6.64
CA ALA C 152 10.45 16.04 8.03
C ALA C 152 11.57 15.05 8.30
N MET C 153 12.34 15.24 9.38
CA MET C 153 13.36 14.25 9.70
C MET C 153 12.87 13.44 10.87
N PHE C 154 13.66 12.48 11.33
CA PHE C 154 13.34 11.69 12.54
C PHE C 154 14.59 10.95 12.90
N VAL C 155 15.04 11.06 14.14
CA VAL C 155 16.23 10.30 14.54
C VAL C 155 15.85 9.09 15.32
N ASN C 156 16.57 7.99 15.10
CA ASN C 156 16.42 6.78 15.93
C ASN C 156 14.98 6.34 16.17
N GLY C 157 14.06 6.81 15.33
CA GLY C 157 12.61 6.62 15.54
C GLY C 157 12.15 7.05 16.91
N LYS C 158 12.61 8.21 17.36
CA LYS C 158 12.46 8.65 18.76
C LYS C 158 12.44 10.18 18.97
N TYR C 159 13.06 10.95 18.07
CA TYR C 159 12.93 12.40 18.12
C TYR C 159 12.72 12.96 16.72
N GLN C 160 11.51 13.47 16.48
CA GLN C 160 11.22 14.21 15.27
C GLN C 160 12.19 15.38 15.18
N LEU C 161 12.09 16.18 14.13
CA LEU C 161 12.92 17.38 13.98
C LEU C 161 12.07 18.63 13.83
N ASN C 162 12.65 19.74 14.27
CA ASN C 162 11.94 20.98 14.48
C ASN C 162 12.82 22.12 13.99
N PRO C 163 12.49 22.69 12.82
CA PRO C 163 13.33 23.76 12.24
C PRO C 163 13.09 25.13 12.87
N GLN C 164 11.95 25.29 13.52
CA GLN C 164 11.52 26.60 14.03
C GLN C 164 12.28 26.95 15.29
N GLY C 165 12.71 25.94 16.05
CA GLY C 165 13.55 26.17 17.21
C GLY C 165 14.98 26.50 16.83
N MET C 166 15.12 27.23 15.71
CA MET C 166 16.42 27.58 15.09
C MET C 166 16.30 28.95 14.38
N ASP C 167 17.41 29.45 13.85
CA ASP C 167 17.39 30.70 13.09
C ASP C 167 16.59 30.50 11.80
N THR C 168 15.96 31.57 11.32
CA THR C 168 15.26 31.55 10.04
C THR C 168 15.41 32.90 9.33
N SER C 169 16.64 33.40 9.32
CA SER C 169 17.04 34.51 8.44
C SER C 169 18.38 34.23 7.75
N ASN C 170 19.27 33.52 8.44
CA ASN C 170 20.58 33.17 7.90
C ASN C 170 20.68 31.71 7.49
N MET C 171 20.79 31.51 6.19
CA MET C 171 20.76 30.18 5.60
C MET C 171 22.03 29.46 6.00
N ASP C 172 23.18 30.12 5.81
CA ASP C 172 24.48 29.56 6.23
C ASP C 172 24.40 29.02 7.66
N VAL C 173 23.71 29.74 8.54
CA VAL C 173 23.59 29.38 9.96
C VAL C 173 22.52 28.32 10.26
N PHE C 174 21.29 28.57 9.82
CA PHE C 174 20.17 27.59 9.91
C PHE C 174 20.69 26.16 9.64
N VAL C 175 21.53 26.06 8.60
CA VAL C 175 22.24 24.84 8.24
C VAL C 175 23.14 24.34 9.38
N GLN C 176 24.22 25.04 9.68
CA GLN C 176 25.18 24.55 10.69
C GLN C 176 24.47 24.15 11.99
N GLN C 177 23.42 24.88 12.33
CA GLN C 177 22.55 24.55 13.47
C GLN C 177 21.84 23.19 13.23
N TYR C 178 21.07 23.09 12.14
CA TYR C 178 20.27 21.89 11.84
C TYR C 178 21.06 20.60 11.98
N ALA C 179 22.25 20.58 11.40
CA ALA C 179 23.07 19.38 11.34
C ALA C 179 23.52 18.95 12.73
N ASP C 180 24.09 19.90 13.49
CA ASP C 180 24.47 19.65 14.87
C ASP C 180 23.36 18.90 15.59
N THR C 181 22.17 19.49 15.53
CA THR C 181 20.97 18.96 16.21
C THR C 181 20.83 17.44 15.99
N VAL C 182 21.07 17.00 14.76
CA VAL C 182 20.98 15.58 14.39
C VAL C 182 22.14 14.77 14.97
N LYS C 183 23.32 15.37 14.98
CA LYS C 183 24.50 14.73 15.57
C LYS C 183 24.24 14.48 17.05
N TYR C 184 24.07 15.56 17.81
CA TYR C 184 23.67 15.49 19.22
C TYR C 184 22.64 14.38 19.48
N LEU C 185 21.62 14.32 18.62
CA LEU C 185 20.52 13.36 18.80
C LEU C 185 20.85 11.94 18.36
N SER C 186 21.89 11.78 17.56
CA SER C 186 22.31 10.44 17.12
C SER C 186 22.89 9.62 18.28
N GLU C 187 23.54 10.31 19.22
CA GLU C 187 24.00 9.68 20.47
C GLU C 187 23.16 10.22 21.63
N LYS C 188 22.08 9.49 21.96
CA LYS C 188 21.18 9.86 23.07
C LYS C 188 20.27 8.69 23.48
N ALA D 14 -23.67 45.17 16.70
CA ALA D 14 -22.69 44.34 15.94
C ALA D 14 -23.37 43.08 15.43
N TRP D 15 -23.92 42.29 16.35
CA TRP D 15 -24.56 41.00 16.06
C TRP D 15 -24.91 40.69 14.61
N LEU D 16 -25.89 41.42 14.07
CA LEU D 16 -26.45 41.11 12.76
C LEU D 16 -25.53 41.48 11.59
N LEU D 17 -24.87 42.63 11.67
CA LEU D 17 -23.93 43.05 10.62
C LEU D 17 -22.79 42.03 10.39
N MET D 18 -22.36 41.37 11.47
CA MET D 18 -21.36 40.29 11.38
C MET D 18 -22.01 38.95 11.06
N ALA D 19 -23.19 38.68 11.63
CA ALA D 19 -23.92 37.44 11.38
C ALA D 19 -24.55 37.36 9.98
N PHE D 20 -24.81 38.52 9.37
CA PHE D 20 -25.28 38.60 7.99
C PHE D 20 -24.12 38.44 7.00
N THR D 21 -22.96 39.00 7.36
CA THR D 21 -21.75 38.95 6.55
C THR D 21 -20.90 37.71 6.87
N ALA D 22 -21.05 37.16 8.08
CA ALA D 22 -20.35 35.92 8.46
C ALA D 22 -20.97 34.77 7.68
N LEU D 23 -22.25 34.48 7.92
CA LEU D 23 -22.98 33.43 7.20
C LEU D 23 -22.73 33.44 5.69
N ALA D 24 -22.87 34.61 5.07
CA ALA D 24 -22.66 34.77 3.64
C ALA D 24 -21.22 34.48 3.19
N LEU D 25 -20.28 34.41 4.14
CA LEU D 25 -18.90 34.00 3.88
C LEU D 25 -18.58 32.64 4.54
N GLU D 26 -19.15 32.42 5.72
CA GLU D 26 -19.22 31.08 6.31
C GLU D 26 -19.73 30.11 5.25
N LEU D 27 -20.83 30.48 4.61
CA LEU D 27 -21.48 29.63 3.61
C LEU D 27 -20.89 29.76 2.21
N THR D 28 -20.55 30.97 1.76
CA THR D 28 -19.85 31.12 0.46
C THR D 28 -18.64 30.17 0.41
N ALA D 29 -18.02 29.95 1.56
CA ALA D 29 -17.14 28.81 1.73
C ALA D 29 -17.98 27.53 1.62
N LEU D 30 -18.82 27.29 2.64
CA LEU D 30 -19.60 26.05 2.78
C LEU D 30 -20.47 25.71 1.55
N TRP D 31 -21.47 26.55 1.25
CA TRP D 31 -22.28 26.41 0.02
C TRP D 31 -21.54 25.63 -1.05
N PHE D 32 -20.38 26.15 -1.42
CA PHE D 32 -19.64 25.71 -2.59
C PHE D 32 -18.45 24.81 -2.24
N GLN D 33 -18.07 24.73 -0.97
CA GLN D 33 -17.09 23.73 -0.48
C GLN D 33 -17.21 22.40 -1.21
N HIS D 34 -18.45 21.94 -1.36
CA HIS D 34 -18.79 20.63 -1.92
C HIS D 34 -19.04 20.76 -3.43
N VAL D 35 -19.60 21.90 -3.84
CA VAL D 35 -19.85 22.22 -5.25
C VAL D 35 -18.55 22.54 -6.01
N MET D 36 -17.53 22.99 -5.27
CA MET D 36 -16.16 23.13 -5.79
C MET D 36 -15.45 21.76 -5.82
N LEU D 37 -16.23 20.70 -6.05
CA LEU D 37 -15.80 19.30 -5.94
C LEU D 37 -15.24 18.99 -4.52
N LEU D 38 -13.91 18.87 -4.41
CA LEU D 38 -13.22 18.71 -3.11
C LEU D 38 -11.73 19.01 -3.26
N LYS D 39 -11.39 20.30 -3.38
CA LYS D 39 -9.99 20.71 -3.50
C LYS D 39 -9.18 20.34 -2.23
N PRO D 40 -7.85 20.11 -2.38
CA PRO D 40 -6.97 19.77 -1.27
C PRO D 40 -6.47 20.99 -0.47
N CYS D 41 -6.56 20.93 0.85
CA CYS D 41 -6.34 22.13 1.67
C CYS D 41 -6.09 21.87 3.17
N VAL D 42 -5.03 22.49 3.71
CA VAL D 42 -4.67 22.34 5.13
C VAL D 42 -4.82 23.65 5.90
N LEU D 43 -4.32 24.73 5.34
CA LEU D 43 -4.41 26.03 6.00
C LEU D 43 -5.84 26.52 6.05
N CYS D 44 -6.70 25.94 5.23
CA CYS D 44 -8.11 26.26 5.23
C CYS D 44 -8.74 26.05 6.60
N ILE D 45 -8.80 24.81 7.08
CA ILE D 45 -9.41 24.55 8.40
C ILE D 45 -8.80 25.46 9.47
N TYR D 46 -7.47 25.55 9.52
CA TYR D 46 -6.82 26.50 10.43
C TYR D 46 -7.40 27.90 10.25
N GLU D 47 -7.59 28.30 9.00
CA GLU D 47 -8.17 29.60 8.65
C GLU D 47 -9.69 29.64 8.90
N ARG D 48 -10.37 28.53 8.64
CA ARG D 48 -11.81 28.42 8.96
C ARG D 48 -12.02 28.32 10.48
N VAL D 49 -10.94 28.12 11.23
CA VAL D 49 -10.99 28.15 12.71
C VAL D 49 -10.59 29.50 13.28
N ALA D 50 -9.90 30.33 12.50
CA ALA D 50 -9.72 31.74 12.83
C ALA D 50 -10.97 32.54 12.44
N LEU D 51 -11.85 31.93 11.65
CA LEU D 51 -13.22 32.44 11.41
C LEU D 51 -14.15 31.90 12.48
N PHE D 52 -14.54 30.63 12.31
CA PHE D 52 -15.60 30.02 13.10
C PHE D 52 -15.19 29.82 14.56
N GLY D 53 -13.97 30.23 14.91
CA GLY D 53 -13.53 30.31 16.31
C GLY D 53 -13.45 31.75 16.82
N VAL D 54 -13.84 32.69 15.97
CA VAL D 54 -13.83 34.12 16.32
C VAL D 54 -15.15 34.84 16.03
N LEU D 55 -15.77 34.54 14.89
CA LEU D 55 -17.09 35.11 14.55
C LEU D 55 -18.19 34.37 15.33
N GLY D 56 -18.18 33.05 15.23
CA GLY D 56 -19.08 32.20 16.02
C GLY D 56 -18.87 32.34 17.53
N ALA D 57 -17.73 32.90 17.92
CA ALA D 57 -17.45 33.31 19.31
C ALA D 57 -17.05 34.80 19.40
N ALA D 58 -17.73 35.64 18.61
CA ALA D 58 -17.60 37.11 18.67
C ALA D 58 -18.98 37.78 18.71
N LEU D 59 -19.92 37.26 17.92
CA LEU D 59 -21.34 37.53 18.11
C LEU D 59 -21.67 37.13 19.55
N ILE D 60 -21.33 35.89 19.89
CA ILE D 60 -21.52 35.35 21.24
C ILE D 60 -20.22 35.55 22.07
N GLY D 61 -19.50 36.64 21.79
CA GLY D 61 -18.20 36.91 22.40
C GLY D 61 -18.30 37.84 23.58
N ALA D 62 -18.61 39.11 23.31
CA ALA D 62 -18.87 40.13 24.37
C ALA D 62 -19.96 41.15 24.02
N ILE D 63 -20.12 41.48 22.73
CA ILE D 63 -21.34 42.14 22.26
C ILE D 63 -22.51 41.26 22.71
N ALA D 64 -22.31 39.93 22.64
CA ALA D 64 -22.98 38.94 23.50
C ALA D 64 -24.53 38.95 23.48
N PRO D 65 -25.16 38.03 24.25
CA PRO D 65 -26.60 38.12 24.50
C PRO D 65 -27.05 39.45 25.17
N LYS D 66 -26.16 40.05 25.96
CA LYS D 66 -26.34 41.39 26.54
C LYS D 66 -25.20 42.32 26.09
N THR D 67 -25.53 43.59 25.84
CA THR D 67 -24.62 44.50 25.15
C THR D 67 -23.83 45.56 25.98
N PRO D 68 -23.63 45.35 27.31
CA PRO D 68 -22.87 46.34 28.10
C PRO D 68 -21.40 45.97 28.38
N LEU D 69 -20.94 44.86 27.80
CA LEU D 69 -19.63 44.28 28.14
C LEU D 69 -18.91 43.80 26.86
N ARG D 70 -18.58 44.76 26.00
CA ARG D 70 -18.08 44.50 24.65
C ARG D 70 -16.53 44.54 24.57
N TYR D 71 -15.86 44.22 25.68
CA TYR D 71 -14.39 44.18 25.76
C TYR D 71 -13.81 42.75 25.82
N VAL D 72 -14.66 41.76 26.14
CA VAL D 72 -14.26 40.35 26.09
C VAL D 72 -14.13 39.91 24.63
N ALA D 73 -14.97 40.48 23.77
CA ALA D 73 -14.86 40.31 22.33
C ALA D 73 -13.61 41.04 21.88
N MET D 74 -13.43 42.27 22.35
CA MET D 74 -12.19 43.03 22.09
C MET D 74 -10.91 42.21 22.39
N VAL D 75 -11.03 41.19 23.24
CA VAL D 75 -9.93 40.23 23.52
C VAL D 75 -10.04 38.92 22.70
N ILE D 76 -11.26 38.54 22.29
CA ILE D 76 -11.45 37.48 21.28
C ILE D 76 -11.16 38.06 19.89
N TRP D 77 -11.42 39.36 19.72
CA TRP D 77 -11.05 40.13 18.53
C TRP D 77 -9.56 40.51 18.54
N LEU D 78 -8.84 40.11 19.60
CA LEU D 78 -7.37 40.17 19.66
C LEU D 78 -6.74 38.91 19.04
N TYR D 79 -6.91 37.76 19.68
CA TYR D 79 -6.52 36.48 19.08
C TYR D 79 -7.67 36.03 18.19
N SER D 80 -7.94 36.82 17.17
CA SER D 80 -8.95 36.51 16.18
C SER D 80 -8.27 36.41 14.82
N ALA D 81 -8.66 37.29 13.90
CA ALA D 81 -7.95 37.44 12.64
C ALA D 81 -6.52 37.96 12.86
N PHE D 82 -6.13 38.17 14.12
CA PHE D 82 -4.71 38.28 14.47
C PHE D 82 -3.98 37.16 13.76
N ARG D 83 -4.38 35.93 14.10
CA ARG D 83 -3.94 34.75 13.40
C ARG D 83 -4.51 34.82 11.98
N GLY D 84 -5.84 34.94 11.89
CA GLY D 84 -6.56 35.01 10.61
C GLY D 84 -5.87 35.83 9.54
N VAL D 85 -5.13 36.86 9.95
CA VAL D 85 -4.23 37.58 9.04
C VAL D 85 -3.08 36.68 8.62
N GLN D 86 -2.14 36.44 9.53
CA GLN D 86 -0.90 35.74 9.18
C GLN D 86 -1.11 34.30 8.71
N LEU D 87 -2.19 33.66 9.14
CA LEU D 87 -2.51 32.35 8.60
C LEU D 87 -2.66 32.44 7.08
N THR D 88 -3.53 33.32 6.60
CA THR D 88 -3.69 33.55 5.15
C THR D 88 -2.53 34.36 4.52
N TYR D 89 -1.91 35.21 5.32
CA TYR D 89 -0.74 35.98 4.88
C TYR D 89 0.42 35.04 4.60
N GLU D 90 0.73 34.14 5.55
CA GLU D 90 1.73 33.11 5.33
C GLU D 90 1.30 32.28 4.13
N HIS D 91 0.20 31.54 4.28
CA HIS D 91 -0.44 30.78 3.17
C HIS D 91 -0.10 31.34 1.79
N THR D 92 -0.36 32.64 1.59
CA THR D 92 -0.19 33.28 0.30
C THR D 92 1.29 33.43 -0.05
N MET D 93 2.06 33.96 0.91
CA MET D 93 3.49 34.17 0.76
C MET D 93 4.19 32.95 0.12
N LEU D 94 3.81 31.76 0.58
CA LEU D 94 4.50 30.52 0.24
C LEU D 94 4.16 30.00 -1.17
N GLN D 95 3.04 30.47 -1.73
CA GLN D 95 2.55 29.98 -3.03
C GLN D 95 3.54 30.20 -4.19
N LEU D 96 4.08 31.43 -4.26
CA LEU D 96 5.15 31.81 -5.23
C LEU D 96 6.52 32.03 -4.56
N TYR D 97 6.52 32.26 -3.24
CA TYR D 97 7.76 32.47 -2.49
C TYR D 97 7.95 31.41 -1.37
N PRO D 98 8.54 30.26 -1.75
CA PRO D 98 8.73 29.13 -0.84
C PRO D 98 9.84 29.34 0.19
N SER D 99 10.10 28.28 0.93
CA SER D 99 11.01 28.30 2.05
C SER D 99 11.53 26.90 2.21
N PRO D 100 12.75 26.74 2.69
CA PRO D 100 13.19 25.44 3.20
C PRO D 100 12.48 25.01 4.49
N PHE D 101 12.41 25.95 5.44
CA PHE D 101 12.06 25.65 6.84
C PHE D 101 10.60 25.28 7.13
N ALA D 102 9.75 25.35 6.12
CA ALA D 102 8.31 25.09 6.31
C ALA D 102 7.98 23.62 6.09
N THR D 103 6.72 23.35 5.73
CA THR D 103 6.26 22.01 5.35
C THR D 103 5.13 22.16 4.30
N CYS D 104 4.36 21.10 4.10
CA CYS D 104 3.13 21.11 3.26
C CYS D 104 2.45 19.75 3.45
N ASP D 105 1.21 19.75 3.96
CA ASP D 105 0.64 18.56 4.64
C ASP D 105 -0.77 18.13 4.13
N PHE D 106 -1.47 17.31 4.91
CA PHE D 106 -2.91 17.11 4.71
C PHE D 106 -3.56 16.57 5.97
N MET D 107 -3.43 17.30 7.08
CA MET D 107 -3.79 16.76 8.41
C MET D 107 -4.33 17.69 9.55
N VAL D 108 -5.23 17.07 10.31
CA VAL D 108 -5.65 17.48 11.66
C VAL D 108 -4.50 17.96 12.56
N ARG D 109 -4.87 18.58 13.69
CA ARG D 109 -4.15 18.50 14.98
C ARG D 109 -4.68 19.45 16.08
N PHE D 110 -4.61 18.98 17.32
CA PHE D 110 -5.01 19.78 18.49
C PHE D 110 -4.13 19.41 19.70
N PRO D 111 -3.22 20.32 20.08
CA PRO D 111 -2.17 20.04 21.08
C PRO D 111 -2.66 19.93 22.55
N GLU D 112 -3.97 19.70 22.73
CA GLU D 112 -4.59 19.58 24.07
C GLU D 112 -5.96 18.86 24.04
N TRP D 113 -6.19 18.07 22.98
CA TRP D 113 -7.47 17.37 22.75
C TRP D 113 -8.65 18.36 22.60
N LEU D 114 -8.74 18.90 21.39
CA LEU D 114 -9.87 19.70 20.93
C LEU D 114 -10.34 19.03 19.63
N PRO D 115 -10.61 17.72 19.71
CA PRO D 115 -10.46 16.82 18.57
C PRO D 115 -11.56 16.92 17.51
N LEU D 116 -12.82 16.81 17.95
CA LEU D 116 -14.03 16.80 17.09
C LEU D 116 -14.02 17.88 16.01
N ASP D 117 -13.14 18.87 16.18
CA ASP D 117 -13.00 20.03 15.28
C ASP D 117 -12.44 19.74 13.89
N LYS D 118 -11.86 18.55 13.70
CA LYS D 118 -11.41 18.11 12.36
C LYS D 118 -11.93 16.73 11.99
N TRP D 119 -12.94 16.30 12.75
CA TRP D 119 -13.76 15.14 12.42
C TRP D 119 -15.18 15.61 12.17
N VAL D 120 -15.35 16.92 11.99
CA VAL D 120 -16.63 17.52 11.64
C VAL D 120 -16.53 18.65 10.58
N PRO D 121 -15.89 19.81 10.90
CA PRO D 121 -15.74 20.87 9.86
C PRO D 121 -14.76 20.60 8.69
N GLN D 122 -13.80 19.68 8.87
CA GLN D 122 -13.05 19.13 7.73
C GLN D 122 -13.75 17.87 7.19
N VAL D 123 -14.43 17.14 8.08
CA VAL D 123 -15.17 15.92 7.70
C VAL D 123 -16.41 16.25 6.89
N PHE D 124 -17.29 17.09 7.44
CA PHE D 124 -18.45 17.61 6.70
C PHE D 124 -18.04 18.84 5.87
N VAL D 125 -17.20 18.58 4.87
CA VAL D 125 -16.88 19.51 3.78
C VAL D 125 -17.45 18.98 2.45
N ALA D 126 -17.88 17.72 2.43
CA ALA D 126 -18.53 17.09 1.26
C ALA D 126 -19.92 16.56 1.63
N MET D 142 -9.00 32.27 -5.59
CA MET D 142 -9.79 32.32 -4.37
C MET D 142 -9.06 32.89 -3.14
N PRO D 143 -7.83 32.39 -2.85
CA PRO D 143 -7.19 32.94 -1.65
C PRO D 143 -7.02 34.45 -1.77
N GLN D 144 -6.72 34.90 -2.99
CA GLN D 144 -6.78 36.31 -3.40
C GLN D 144 -7.65 37.17 -2.48
N TRP D 145 -8.89 36.71 -2.29
CA TRP D 145 -9.90 37.42 -1.50
C TRP D 145 -9.61 37.24 0.00
N LEU D 146 -9.35 36.00 0.41
CA LEU D 146 -9.04 35.65 1.80
C LEU D 146 -7.92 36.52 2.40
N LEU D 147 -6.76 36.51 1.75
CA LEU D 147 -5.56 37.23 2.21
C LEU D 147 -5.90 38.65 2.65
N GLY D 148 -6.69 39.33 1.82
CA GLY D 148 -7.07 40.73 2.03
C GLY D 148 -8.26 40.95 2.95
N ILE D 149 -9.30 40.13 2.80
CA ILE D 149 -10.52 40.28 3.62
C ILE D 149 -10.26 39.95 5.10
N PHE D 150 -9.32 39.05 5.36
CA PHE D 150 -8.93 38.71 6.75
C PHE D 150 -8.21 39.87 7.45
N ILE D 151 -7.50 40.68 6.68
CA ILE D 151 -6.88 41.90 7.21
C ILE D 151 -7.86 43.08 7.13
N ALA D 152 -8.78 43.02 6.16
CA ALA D 152 -9.78 44.07 5.94
C ALA D 152 -10.89 44.02 7.00
N TYR D 153 -11.30 42.81 7.36
CA TYR D 153 -12.23 42.62 8.48
C TYR D 153 -11.49 42.73 9.83
N LEU D 154 -10.28 43.29 9.83
CA LEU D 154 -9.49 43.48 11.04
C LEU D 154 -9.40 44.96 11.41
N ILE D 155 -8.79 45.77 10.54
CA ILE D 155 -8.59 47.21 10.82
C ILE D 155 -9.93 47.93 11.06
N VAL D 156 -10.92 47.57 10.23
CA VAL D 156 -12.29 48.04 10.40
C VAL D 156 -12.86 47.54 11.74
N ALA D 157 -12.57 46.28 12.06
CA ALA D 157 -12.95 45.69 13.35
C ALA D 157 -12.16 46.26 14.53
N VAL D 158 -10.97 46.79 14.26
CA VAL D 158 -10.12 47.36 15.29
C VAL D 158 -10.53 48.80 15.57
N LEU D 159 -10.47 49.65 14.54
CA LEU D 159 -10.63 51.11 14.67
C LEU D 159 -11.87 51.59 15.43
N VAL D 160 -13.06 51.14 14.99
CA VAL D 160 -14.34 51.59 15.55
C VAL D 160 -14.59 51.07 16.98
N VAL D 161 -13.90 50.01 17.37
CA VAL D 161 -14.07 49.39 18.70
C VAL D 161 -12.94 49.75 19.70
N ILE D 162 -11.72 49.96 19.23
CA ILE D 162 -10.62 50.41 20.10
C ILE D 162 -10.59 51.94 20.19
C1 UQ1 E . -7.81 -19.37 -21.78
O1 UQ1 E . -8.00 -18.59 -22.73
C2 UQ1 E . -6.98 -20.59 -22.01
O2 UQ1 E . -6.42 -20.78 -23.25
CM2 UQ1 E . -7.23 -21.26 -24.34
C3 UQ1 E . -6.75 -21.56 -20.89
O3 UQ1 E . -5.96 -22.68 -21.09
CM3 UQ1 E . -6.01 -23.49 -22.31
C4 UQ1 E . -7.37 -21.30 -19.53
O4 UQ1 E . -7.20 -22.09 -18.56
C5 UQ1 E . -8.23 -20.09 -19.32
CM5 UQ1 E . -8.83 -19.87 -17.95
C6 UQ1 E . -8.44 -19.11 -20.44
C7 UQ1 E . -9.30 -17.87 -20.21
C8 UQ1 E . -8.61 -16.62 -20.75
C9 UQ1 E . -8.31 -15.56 -19.97
C10 UQ1 E . -7.64 -14.35 -20.58
C11 UQ1 E . -8.65 -15.58 -18.51
C1 UQ1 F . -11.02 27.82 1.24
O1 UQ1 F . -12.16 27.61 0.78
C2 UQ1 F . -10.88 28.58 2.53
O2 UQ1 F . -12.03 29.02 3.18
CM2 UQ1 F . -12.76 30.15 2.69
C3 UQ1 F . -9.53 28.88 3.10
O3 UQ1 F . -9.41 29.57 4.28
CM3 UQ1 F . -10.30 30.63 4.68
C4 UQ1 F . -8.31 28.41 2.38
O4 UQ1 F . -7.17 28.64 2.84
C5 UQ1 F . -8.45 27.65 1.09
CM5 UQ1 F . -7.19 27.18 0.37
C6 UQ1 F . -9.80 27.34 0.51
C7 UQ1 F . -9.95 26.57 -0.79
C8 UQ1 F . -10.93 25.40 -0.61
C9 UQ1 F . -10.59 24.12 -0.81
C10 UQ1 F . -11.62 23.03 -0.62
C11 UQ1 F . -9.18 23.78 -1.22
#